data_1EDX
# 
_entry.id   1EDX 
# 
_audit_conform.dict_name       mmcif_pdbx.dic 
_audit_conform.dict_version    5.392 
_audit_conform.dict_location   http://mmcif.pdb.org/dictionaries/ascii/mmcif_pdbx.dic 
# 
loop_
_database_2.database_id 
_database_2.database_code 
_database_2.pdbx_database_accession 
_database_2.pdbx_DOI 
PDB   1EDX         pdb_00001edx 10.2210/pdb1edx/pdb 
RCSB  RCSB010476   ?            ?                   
WWPDB D_1000010476 ?            ?                   
# 
loop_
_pdbx_audit_revision_history.ordinal 
_pdbx_audit_revision_history.data_content_type 
_pdbx_audit_revision_history.major_revision 
_pdbx_audit_revision_history.minor_revision 
_pdbx_audit_revision_history.revision_date 
1 'Structure model' 1 0 2000-08-09 
2 'Structure model' 1 1 2008-04-27 
3 'Structure model' 1 2 2011-07-13 
4 'Structure model' 1 3 2022-02-16 
5 'Structure model' 1 4 2024-05-22 
# 
_pdbx_audit_revision_details.ordinal             1 
_pdbx_audit_revision_details.revision_ordinal    1 
_pdbx_audit_revision_details.data_content_type   'Structure model' 
_pdbx_audit_revision_details.provider            repository 
_pdbx_audit_revision_details.type                'Initial release' 
_pdbx_audit_revision_details.description         ? 
_pdbx_audit_revision_details.details             ? 
# 
loop_
_pdbx_audit_revision_group.ordinal 
_pdbx_audit_revision_group.revision_ordinal 
_pdbx_audit_revision_group.data_content_type 
_pdbx_audit_revision_group.group 
1 2 'Structure model' 'Version format compliance' 
2 3 'Structure model' 'Version format compliance' 
3 4 'Structure model' 'Data collection'           
4 4 'Structure model' 'Database references'       
5 4 'Structure model' 'Derived calculations'      
6 5 'Structure model' 'Data collection'           
# 
loop_
_pdbx_audit_revision_category.ordinal 
_pdbx_audit_revision_category.revision_ordinal 
_pdbx_audit_revision_category.data_content_type 
_pdbx_audit_revision_category.category 
1 4 'Structure model' database_2            
2 4 'Structure model' pdbx_nmr_software     
3 4 'Structure model' pdbx_struct_assembly  
4 4 'Structure model' pdbx_struct_oper_list 
5 5 'Structure model' chem_comp_atom        
6 5 'Structure model' chem_comp_bond        
# 
loop_
_pdbx_audit_revision_item.ordinal 
_pdbx_audit_revision_item.revision_ordinal 
_pdbx_audit_revision_item.data_content_type 
_pdbx_audit_revision_item.item 
1 4 'Structure model' '_database_2.pdbx_DOI'                
2 4 'Structure model' '_database_2.pdbx_database_accession' 
3 4 'Structure model' '_pdbx_nmr_software.name'             
# 
_pdbx_database_status.status_code                     REL 
_pdbx_database_status.entry_id                        1EDX 
_pdbx_database_status.recvd_initial_deposition_date   2000-01-28 
_pdbx_database_status.deposit_site                    RCSB 
_pdbx_database_status.process_site                    RCSB 
_pdbx_database_status.status_code_mr                  REL 
_pdbx_database_status.SG_entry                        . 
_pdbx_database_status.pdb_format_compatible           Y 
_pdbx_database_status.status_code_sf                  ? 
_pdbx_database_status.status_code_cs                  ? 
_pdbx_database_status.status_code_nmr_data            ? 
_pdbx_database_status.methods_development_category    ? 
# 
loop_
_pdbx_database_related.db_name 
_pdbx_database_related.db_id 
_pdbx_database_related.details 
_pdbx_database_related.content_type 
PDB 1EDS 'First intradiskal loop of bovine rhodopsin'  unspecified 
PDB 1EDV 'Second intradiskal loop of bovine rhodopsin' unspecified 
PDB 1EDW 'Third intradiskal loop of bovine rhodopsin'  unspecified 
# 
loop_
_audit_author.name 
_audit_author.pdbx_ordinal 
'Yeagle, P.L.' 1 
'Salloum, A.'  2 
'Chopra, A.'   3 
'Bhawsar, N.'  4 
'Ali, L.'      5 
# 
_citation.id                        primary 
_citation.title                     'Structures of the intradiskal loops and amino terminus of the G-protein receptor, rhodopsin.' 
_citation.journal_abbrev            J.Pept.Res. 
_citation.journal_volume            55 
_citation.page_first                455 
_citation.page_last                 465 
_citation.year                      2000 
_citation.journal_id_ASTM           JPERFA 
_citation.country                   DK 
_citation.journal_id_ISSN           1397-002X 
_citation.journal_id_CSD            2150 
_citation.book_publisher            ? 
_citation.pdbx_database_id_PubMed   10888202 
_citation.pdbx_database_id_DOI      10.1034/j.1399-3011.2000.00707.x 
# 
loop_
_citation_author.citation_id 
_citation_author.name 
_citation_author.ordinal 
_citation_author.identifier_ORCID 
primary 'Yeagle, P.L.'    1 ? 
primary 'Salloum, A.'     2 ? 
primary 'Chopra, A.'      3 ? 
primary 'Bhawsar, N.'     4 ? 
primary 'Ali, L.'         5 ? 
primary 'Kuzmanovski, G.' 6 ? 
primary 'Alderfer, J.L.'  7 ? 
primary 'Albert, A.D.'    8 ? 
# 
_entity.id                         1 
_entity.type                       polymer 
_entity.src_method                 syn 
_entity.pdbx_description           RHODOPSIN 
_entity.formula_weight             4604.132 
_entity.pdbx_number_of_molecules   1 
_entity.pdbx_ec                    ? 
_entity.pdbx_mutation              ? 
_entity.pdbx_fragment              'AMINO TERMINAL (RESIDUES 1-40)' 
_entity.details                    ? 
# 
_entity_poly.entity_id                      1 
_entity_poly.type                           'polypeptide(L)' 
_entity_poly.nstd_linkage                   no 
_entity_poly.nstd_monomer                   no 
_entity_poly.pdbx_seq_one_letter_code       MNGTEGPNFYVPFSNKTGVVRSPFEAPQYYLAEPWEFSML 
_entity_poly.pdbx_seq_one_letter_code_can   MNGTEGPNFYVPFSNKTGVVRSPFEAPQYYLAEPWEFSML 
_entity_poly.pdbx_strand_id                 A 
_entity_poly.pdbx_target_identifier         ? 
# 
loop_
_entity_poly_seq.entity_id 
_entity_poly_seq.num 
_entity_poly_seq.mon_id 
_entity_poly_seq.hetero 
1 1  MET n 
1 2  ASN n 
1 3  GLY n 
1 4  THR n 
1 5  GLU n 
1 6  GLY n 
1 7  PRO n 
1 8  ASN n 
1 9  PHE n 
1 10 TYR n 
1 11 VAL n 
1 12 PRO n 
1 13 PHE n 
1 14 SER n 
1 15 ASN n 
1 16 LYS n 
1 17 THR n 
1 18 GLY n 
1 19 VAL n 
1 20 VAL n 
1 21 ARG n 
1 22 SER n 
1 23 PRO n 
1 24 PHE n 
1 25 GLU n 
1 26 ALA n 
1 27 PRO n 
1 28 GLN n 
1 29 TYR n 
1 30 TYR n 
1 31 LEU n 
1 32 ALA n 
1 33 GLU n 
1 34 PRO n 
1 35 TRP n 
1 36 GLU n 
1 37 PHE n 
1 38 SER n 
1 39 MET n 
1 40 LEU n 
# 
_pdbx_entity_src_syn.entity_id              1 
_pdbx_entity_src_syn.pdbx_src_id            1 
_pdbx_entity_src_syn.pdbx_alt_source_flag   sample 
_pdbx_entity_src_syn.pdbx_beg_seq_num       ? 
_pdbx_entity_src_syn.pdbx_end_seq_num       ? 
_pdbx_entity_src_syn.organism_scientific    ? 
_pdbx_entity_src_syn.organism_common_name   ? 
_pdbx_entity_src_syn.ncbi_taxonomy_id       ? 
_pdbx_entity_src_syn.details                'bovine rhodopsin' 
# 
loop_
_chem_comp.id 
_chem_comp.type 
_chem_comp.mon_nstd_flag 
_chem_comp.name 
_chem_comp.pdbx_synonyms 
_chem_comp.formula 
_chem_comp.formula_weight 
ALA 'L-peptide linking' y ALANINE         ? 'C3 H7 N O2'     89.093  
ARG 'L-peptide linking' y ARGININE        ? 'C6 H15 N4 O2 1' 175.209 
ASN 'L-peptide linking' y ASPARAGINE      ? 'C4 H8 N2 O3'    132.118 
GLN 'L-peptide linking' y GLUTAMINE       ? 'C5 H10 N2 O3'   146.144 
GLU 'L-peptide linking' y 'GLUTAMIC ACID' ? 'C5 H9 N O4'     147.129 
GLY 'peptide linking'   y GLYCINE         ? 'C2 H5 N O2'     75.067  
LEU 'L-peptide linking' y LEUCINE         ? 'C6 H13 N O2'    131.173 
LYS 'L-peptide linking' y LYSINE          ? 'C6 H15 N2 O2 1' 147.195 
MET 'L-peptide linking' y METHIONINE      ? 'C5 H11 N O2 S'  149.211 
PHE 'L-peptide linking' y PHENYLALANINE   ? 'C9 H11 N O2'    165.189 
PRO 'L-peptide linking' y PROLINE         ? 'C5 H9 N O2'     115.130 
SER 'L-peptide linking' y SERINE          ? 'C3 H7 N O3'     105.093 
THR 'L-peptide linking' y THREONINE       ? 'C4 H9 N O3'     119.119 
TRP 'L-peptide linking' y TRYPTOPHAN      ? 'C11 H12 N2 O2'  204.225 
TYR 'L-peptide linking' y TYROSINE        ? 'C9 H11 N O3'    181.189 
VAL 'L-peptide linking' y VALINE          ? 'C5 H11 N O2'    117.146 
# 
loop_
_pdbx_poly_seq_scheme.asym_id 
_pdbx_poly_seq_scheme.entity_id 
_pdbx_poly_seq_scheme.seq_id 
_pdbx_poly_seq_scheme.mon_id 
_pdbx_poly_seq_scheme.ndb_seq_num 
_pdbx_poly_seq_scheme.pdb_seq_num 
_pdbx_poly_seq_scheme.auth_seq_num 
_pdbx_poly_seq_scheme.pdb_mon_id 
_pdbx_poly_seq_scheme.auth_mon_id 
_pdbx_poly_seq_scheme.pdb_strand_id 
_pdbx_poly_seq_scheme.pdb_ins_code 
_pdbx_poly_seq_scheme.hetero 
A 1 1  MET 1  1  1  MET MET A . n 
A 1 2  ASN 2  2  2  ASN ASN A . n 
A 1 3  GLY 3  3  3  GLY GLY A . n 
A 1 4  THR 4  4  4  THR THR A . n 
A 1 5  GLU 5  5  5  GLU GLU A . n 
A 1 6  GLY 6  6  6  GLY GLY A . n 
A 1 7  PRO 7  7  7  PRO PRO A . n 
A 1 8  ASN 8  8  8  ASN ASN A . n 
A 1 9  PHE 9  9  9  PHE PHE A . n 
A 1 10 TYR 10 10 10 TYR TYR A . n 
A 1 11 VAL 11 11 11 VAL VAL A . n 
A 1 12 PRO 12 12 12 PRO PRO A . n 
A 1 13 PHE 13 13 13 PHE PHE A . n 
A 1 14 SER 14 14 14 SER SER A . n 
A 1 15 ASN 15 15 15 ASN ASN A . n 
A 1 16 LYS 16 16 16 LYS LYS A . n 
A 1 17 THR 17 17 17 THR THR A . n 
A 1 18 GLY 18 18 18 GLY GLY A . n 
A 1 19 VAL 19 19 19 VAL VAL A . n 
A 1 20 VAL 20 20 20 VAL VAL A . n 
A 1 21 ARG 21 21 21 ARG ARG A . n 
A 1 22 SER 22 22 22 SER SER A . n 
A 1 23 PRO 23 23 23 PRO PRO A . n 
A 1 24 PHE 24 24 24 PHE PHE A . n 
A 1 25 GLU 25 25 25 GLU GLU A . n 
A 1 26 ALA 26 26 26 ALA ALA A . n 
A 1 27 PRO 27 27 27 PRO PRO A . n 
A 1 28 GLN 28 28 28 GLN GLN A . n 
A 1 29 TYR 29 29 29 TYR TYR A . n 
A 1 30 TYR 30 30 30 TYR TYR A . n 
A 1 31 LEU 31 31 31 LEU LEU A . n 
A 1 32 ALA 32 32 32 ALA ALA A . n 
A 1 33 GLU 33 33 33 GLU GLU A . n 
A 1 34 PRO 34 34 34 PRO PRO A . n 
A 1 35 TRP 35 35 35 TRP TRP A . n 
A 1 36 GLU 36 36 36 GLU GLU A . n 
A 1 37 PHE 37 37 37 PHE PHE A . n 
A 1 38 SER 38 38 38 SER SER A . n 
A 1 39 MET 39 39 39 MET MET A . n 
A 1 40 LEU 40 40 40 LEU LEU A . n 
# 
_cell.entry_id           1EDX 
_cell.length_a           1.000 
_cell.length_b           1.000 
_cell.length_c           1.000 
_cell.angle_alpha        90.00 
_cell.angle_beta         90.00 
_cell.angle_gamma        90.00 
_cell.Z_PDB              1 
_cell.pdbx_unique_axis   ? 
# 
_symmetry.entry_id                         1EDX 
_symmetry.space_group_name_H-M             'P 1' 
_symmetry.pdbx_full_space_group_name_H-M   ? 
_symmetry.cell_setting                     ? 
_symmetry.Int_Tables_number                1 
# 
_exptl.entry_id          1EDX 
_exptl.method            'SOLUTION NMR' 
_exptl.crystals_number   ? 
# 
_struct.entry_id                  1EDX 
_struct.title                     'SOLUTION STRUCTURE OF AMINO TERMINUS OF BOVINE RHODOPSIN (RESIDUES 1-40)' 
_struct.pdbx_model_details        ? 
_struct.pdbx_CASP_flag            ? 
_struct.pdbx_model_type_details   'minimized average' 
# 
_struct_keywords.entry_id        1EDX 
_struct_keywords.pdbx_keywords   'Ion Transport' 
_struct_keywords.text            'helix, Ion Transport' 
# 
_struct_asym.id                            A 
_struct_asym.pdbx_blank_PDB_chainid_flag   N 
_struct_asym.pdbx_modified                 N 
_struct_asym.entity_id                     1 
_struct_asym.details                       ? 
# 
_struct_ref.id                         1 
_struct_ref.db_name                    UNP 
_struct_ref.db_code                    OPSD_BOVIN 
_struct_ref.entity_id                  1 
_struct_ref.pdbx_db_accession          P02699 
_struct_ref.pdbx_align_begin           1 
_struct_ref.pdbx_seq_one_letter_code   MNGTEGPNFYVPFSNKTGVVRSPFEAPQYYLAEPWEFSML 
_struct_ref.pdbx_db_isoform            ? 
# 
_struct_ref_seq.align_id                      1 
_struct_ref_seq.ref_id                        1 
_struct_ref_seq.pdbx_PDB_id_code              1EDX 
_struct_ref_seq.pdbx_strand_id                A 
_struct_ref_seq.seq_align_beg                 1 
_struct_ref_seq.pdbx_seq_align_beg_ins_code   ? 
_struct_ref_seq.seq_align_end                 40 
_struct_ref_seq.pdbx_seq_align_end_ins_code   ? 
_struct_ref_seq.pdbx_db_accession             P02699 
_struct_ref_seq.db_align_beg                  1 
_struct_ref_seq.pdbx_db_align_beg_ins_code    ? 
_struct_ref_seq.db_align_end                  40 
_struct_ref_seq.pdbx_db_align_end_ins_code    ? 
_struct_ref_seq.pdbx_auth_seq_align_beg       1 
_struct_ref_seq.pdbx_auth_seq_align_end       40 
# 
_pdbx_struct_assembly.id                   1 
_pdbx_struct_assembly.details              author_defined_assembly 
_pdbx_struct_assembly.method_details       ? 
_pdbx_struct_assembly.oligomeric_details   monomeric 
_pdbx_struct_assembly.oligomeric_count     1 
# 
_pdbx_struct_assembly_gen.assembly_id       1 
_pdbx_struct_assembly_gen.oper_expression   1 
_pdbx_struct_assembly_gen.asym_id_list      A 
# 
_pdbx_struct_oper_list.id                   1 
_pdbx_struct_oper_list.type                 'identity operation' 
_pdbx_struct_oper_list.name                 1_555 
_pdbx_struct_oper_list.symmetry_operation   x,y,z 
_pdbx_struct_oper_list.matrix[1][1]         1.0000000000 
_pdbx_struct_oper_list.matrix[1][2]         0.0000000000 
_pdbx_struct_oper_list.matrix[1][3]         0.0000000000 
_pdbx_struct_oper_list.vector[1]            0.0000000000 
_pdbx_struct_oper_list.matrix[2][1]         0.0000000000 
_pdbx_struct_oper_list.matrix[2][2]         1.0000000000 
_pdbx_struct_oper_list.matrix[2][3]         0.0000000000 
_pdbx_struct_oper_list.vector[2]            0.0000000000 
_pdbx_struct_oper_list.matrix[3][1]         0.0000000000 
_pdbx_struct_oper_list.matrix[3][2]         0.0000000000 
_pdbx_struct_oper_list.matrix[3][3]         1.0000000000 
_pdbx_struct_oper_list.vector[3]            0.0000000000 
# 
_struct_biol.id   1 
# 
loop_
_struct_conf.conf_type_id 
_struct_conf.id 
_struct_conf.pdbx_PDB_helix_id 
_struct_conf.beg_label_comp_id 
_struct_conf.beg_label_asym_id 
_struct_conf.beg_label_seq_id 
_struct_conf.pdbx_beg_PDB_ins_code 
_struct_conf.end_label_comp_id 
_struct_conf.end_label_asym_id 
_struct_conf.end_label_seq_id 
_struct_conf.pdbx_end_PDB_ins_code 
_struct_conf.beg_auth_comp_id 
_struct_conf.beg_auth_asym_id 
_struct_conf.beg_auth_seq_id 
_struct_conf.end_auth_comp_id 
_struct_conf.end_auth_asym_id 
_struct_conf.end_auth_seq_id 
_struct_conf.pdbx_PDB_helix_class 
_struct_conf.details 
_struct_conf.pdbx_PDB_helix_length 
HELX_P HELX_P1 1 LYS A 16 ? ARG A 21 ? LYS A 16 ARG A 21 1 ? 6 
HELX_P HELX_P2 2 GLU A 25 ? TYR A 30 ? GLU A 25 TYR A 30 1 ? 6 
# 
_struct_conf_type.id          HELX_P 
_struct_conf_type.criteria    ? 
_struct_conf_type.reference   ? 
# 
_struct_mon_prot_cis.pdbx_id                1 
_struct_mon_prot_cis.label_comp_id          PRO 
_struct_mon_prot_cis.label_seq_id           23 
_struct_mon_prot_cis.label_asym_id          A 
_struct_mon_prot_cis.label_alt_id           . 
_struct_mon_prot_cis.pdbx_PDB_ins_code      ? 
_struct_mon_prot_cis.auth_comp_id           PRO 
_struct_mon_prot_cis.auth_seq_id            23 
_struct_mon_prot_cis.auth_asym_id           A 
_struct_mon_prot_cis.pdbx_label_comp_id_2   PHE 
_struct_mon_prot_cis.pdbx_label_seq_id_2    24 
_struct_mon_prot_cis.pdbx_label_asym_id_2   A 
_struct_mon_prot_cis.pdbx_PDB_ins_code_2    ? 
_struct_mon_prot_cis.pdbx_auth_comp_id_2    PHE 
_struct_mon_prot_cis.pdbx_auth_seq_id_2     24 
_struct_mon_prot_cis.pdbx_auth_asym_id_2    A 
_struct_mon_prot_cis.pdbx_PDB_model_num     1 
_struct_mon_prot_cis.pdbx_omega_angle       1.10 
# 
loop_
_pdbx_validate_torsion.id 
_pdbx_validate_torsion.PDB_model_num 
_pdbx_validate_torsion.auth_comp_id 
_pdbx_validate_torsion.auth_asym_id 
_pdbx_validate_torsion.auth_seq_id 
_pdbx_validate_torsion.PDB_ins_code 
_pdbx_validate_torsion.label_alt_id 
_pdbx_validate_torsion.phi 
_pdbx_validate_torsion.psi 
1  1 ASN A 2  ? ? 65.59   -67.64 
2  1 THR A 4  ? ? -175.49 -55.68 
3  1 GLU A 5  ? ? 62.61   -27.90 
4  1 PHE A 9  ? ? 34.33   69.88  
5  1 VAL A 11 ? ? 69.65   112.46 
6  1 PRO A 12 ? ? -69.54  8.30   
7  1 ASN A 15 ? ? -91.77  -90.28 
8  1 TYR A 30 ? ? -157.62 83.71  
9  1 ALA A 32 ? ? -123.03 -95.89 
10 1 GLU A 33 ? ? -141.54 24.16  
11 1 PHE A 37 ? ? 73.87   -28.74 
12 1 MET A 39 ? ? 70.28   -58.63 
# 
_pdbx_validate_planes.id              1 
_pdbx_validate_planes.PDB_model_num   1 
_pdbx_validate_planes.auth_comp_id    TYR 
_pdbx_validate_planes.auth_asym_id    A 
_pdbx_validate_planes.auth_seq_id     30 
_pdbx_validate_planes.PDB_ins_code    ? 
_pdbx_validate_planes.label_alt_id    ? 
_pdbx_validate_planes.rmsd            0.096 
_pdbx_validate_planes.type            'SIDE CHAIN' 
# 
_pdbx_nmr_ensemble.entry_id                                      1EDX 
_pdbx_nmr_ensemble.conformers_calculated_total_number            150 
_pdbx_nmr_ensemble.conformers_submitted_total_number             1 
_pdbx_nmr_ensemble.conformer_selection_criteria                  'target function' 
_pdbx_nmr_ensemble.average_constraints_per_residue               ? 
_pdbx_nmr_ensemble.average_constraint_violations_per_residue     ? 
_pdbx_nmr_ensemble.maximum_distance_constraint_violation         ? 
_pdbx_nmr_ensemble.average_distance_constraint_violation         ? 
_pdbx_nmr_ensemble.maximum_upper_distance_constraint_violation   ? 
_pdbx_nmr_ensemble.maximum_lower_distance_constraint_violation   ? 
_pdbx_nmr_ensemble.distance_constraint_violation_method          ? 
_pdbx_nmr_ensemble.maximum_torsion_angle_constraint_violation    ? 
_pdbx_nmr_ensemble.average_torsion_angle_constraint_violation    ? 
_pdbx_nmr_ensemble.torsion_angle_constraint_violation_method     ? 
# 
_pdbx_nmr_representative.entry_id             1EDX 
_pdbx_nmr_representative.conformer_id         1 
_pdbx_nmr_representative.selection_criteria   'minimized average structure' 
# 
_pdbx_nmr_sample_details.solution_id      1 
_pdbx_nmr_sample_details.contents         '2 mM peptide' 
_pdbx_nmr_sample_details.solvent_system   DMSO 
# 
_pdbx_nmr_exptl_sample_conditions.conditions_id       1 
_pdbx_nmr_exptl_sample_conditions.temperature         303 
_pdbx_nmr_exptl_sample_conditions.pressure            1 
_pdbx_nmr_exptl_sample_conditions.pH                  ? 
_pdbx_nmr_exptl_sample_conditions.ionic_strength      ? 
_pdbx_nmr_exptl_sample_conditions.pressure_units      atm 
_pdbx_nmr_exptl_sample_conditions.temperature_units   K 
# 
loop_
_pdbx_nmr_exptl.experiment_id 
_pdbx_nmr_exptl.solution_id 
_pdbx_nmr_exptl.conditions_id 
_pdbx_nmr_exptl.type 
1 1 1 '2D NOESY' 
2 1 1 DQF-COSY   
# 
_pdbx_nmr_refine.entry_id           1EDX 
_pdbx_nmr_refine.method             'distance geometry' 
_pdbx_nmr_refine.details            ? 
_pdbx_nmr_refine.software_ordinal   1 
# 
loop_
_pdbx_nmr_software.name 
_pdbx_nmr_software.version 
_pdbx_nmr_software.classification 
_pdbx_nmr_software.authors 
_pdbx_nmr_software.ordinal 
Felix ? 'data analysis'      ? 1 
DIANA ? 'structure solution' ? 2 
DIANA ? refinement           ? 3 
# 
loop_
_chem_comp_atom.comp_id 
_chem_comp_atom.atom_id 
_chem_comp_atom.type_symbol 
_chem_comp_atom.pdbx_aromatic_flag 
_chem_comp_atom.pdbx_stereo_config 
_chem_comp_atom.pdbx_ordinal 
ALA N    N N N 1   
ALA CA   C N S 2   
ALA C    C N N 3   
ALA O    O N N 4   
ALA CB   C N N 5   
ALA OXT  O N N 6   
ALA H    H N N 7   
ALA H2   H N N 8   
ALA HA   H N N 9   
ALA HB1  H N N 10  
ALA HB2  H N N 11  
ALA HB3  H N N 12  
ALA HXT  H N N 13  
ARG N    N N N 14  
ARG CA   C N S 15  
ARG C    C N N 16  
ARG O    O N N 17  
ARG CB   C N N 18  
ARG CG   C N N 19  
ARG CD   C N N 20  
ARG NE   N N N 21  
ARG CZ   C N N 22  
ARG NH1  N N N 23  
ARG NH2  N N N 24  
ARG OXT  O N N 25  
ARG H    H N N 26  
ARG H2   H N N 27  
ARG HA   H N N 28  
ARG HB2  H N N 29  
ARG HB3  H N N 30  
ARG HG2  H N N 31  
ARG HG3  H N N 32  
ARG HD2  H N N 33  
ARG HD3  H N N 34  
ARG HE   H N N 35  
ARG HH11 H N N 36  
ARG HH12 H N N 37  
ARG HH21 H N N 38  
ARG HH22 H N N 39  
ARG HXT  H N N 40  
ASN N    N N N 41  
ASN CA   C N S 42  
ASN C    C N N 43  
ASN O    O N N 44  
ASN CB   C N N 45  
ASN CG   C N N 46  
ASN OD1  O N N 47  
ASN ND2  N N N 48  
ASN OXT  O N N 49  
ASN H    H N N 50  
ASN H2   H N N 51  
ASN HA   H N N 52  
ASN HB2  H N N 53  
ASN HB3  H N N 54  
ASN HD21 H N N 55  
ASN HD22 H N N 56  
ASN HXT  H N N 57  
GLN N    N N N 58  
GLN CA   C N S 59  
GLN C    C N N 60  
GLN O    O N N 61  
GLN CB   C N N 62  
GLN CG   C N N 63  
GLN CD   C N N 64  
GLN OE1  O N N 65  
GLN NE2  N N N 66  
GLN OXT  O N N 67  
GLN H    H N N 68  
GLN H2   H N N 69  
GLN HA   H N N 70  
GLN HB2  H N N 71  
GLN HB3  H N N 72  
GLN HG2  H N N 73  
GLN HG3  H N N 74  
GLN HE21 H N N 75  
GLN HE22 H N N 76  
GLN HXT  H N N 77  
GLU N    N N N 78  
GLU CA   C N S 79  
GLU C    C N N 80  
GLU O    O N N 81  
GLU CB   C N N 82  
GLU CG   C N N 83  
GLU CD   C N N 84  
GLU OE1  O N N 85  
GLU OE2  O N N 86  
GLU OXT  O N N 87  
GLU H    H N N 88  
GLU H2   H N N 89  
GLU HA   H N N 90  
GLU HB2  H N N 91  
GLU HB3  H N N 92  
GLU HG2  H N N 93  
GLU HG3  H N N 94  
GLU HE2  H N N 95  
GLU HXT  H N N 96  
GLY N    N N N 97  
GLY CA   C N N 98  
GLY C    C N N 99  
GLY O    O N N 100 
GLY OXT  O N N 101 
GLY H    H N N 102 
GLY H2   H N N 103 
GLY HA2  H N N 104 
GLY HA3  H N N 105 
GLY HXT  H N N 106 
LEU N    N N N 107 
LEU CA   C N S 108 
LEU C    C N N 109 
LEU O    O N N 110 
LEU CB   C N N 111 
LEU CG   C N N 112 
LEU CD1  C N N 113 
LEU CD2  C N N 114 
LEU OXT  O N N 115 
LEU H    H N N 116 
LEU H2   H N N 117 
LEU HA   H N N 118 
LEU HB2  H N N 119 
LEU HB3  H N N 120 
LEU HG   H N N 121 
LEU HD11 H N N 122 
LEU HD12 H N N 123 
LEU HD13 H N N 124 
LEU HD21 H N N 125 
LEU HD22 H N N 126 
LEU HD23 H N N 127 
LEU HXT  H N N 128 
LYS N    N N N 129 
LYS CA   C N S 130 
LYS C    C N N 131 
LYS O    O N N 132 
LYS CB   C N N 133 
LYS CG   C N N 134 
LYS CD   C N N 135 
LYS CE   C N N 136 
LYS NZ   N N N 137 
LYS OXT  O N N 138 
LYS H    H N N 139 
LYS H2   H N N 140 
LYS HA   H N N 141 
LYS HB2  H N N 142 
LYS HB3  H N N 143 
LYS HG2  H N N 144 
LYS HG3  H N N 145 
LYS HD2  H N N 146 
LYS HD3  H N N 147 
LYS HE2  H N N 148 
LYS HE3  H N N 149 
LYS HZ1  H N N 150 
LYS HZ2  H N N 151 
LYS HZ3  H N N 152 
LYS HXT  H N N 153 
MET N    N N N 154 
MET CA   C N S 155 
MET C    C N N 156 
MET O    O N N 157 
MET CB   C N N 158 
MET CG   C N N 159 
MET SD   S N N 160 
MET CE   C N N 161 
MET OXT  O N N 162 
MET H    H N N 163 
MET H2   H N N 164 
MET HA   H N N 165 
MET HB2  H N N 166 
MET HB3  H N N 167 
MET HG2  H N N 168 
MET HG3  H N N 169 
MET HE1  H N N 170 
MET HE2  H N N 171 
MET HE3  H N N 172 
MET HXT  H N N 173 
PHE N    N N N 174 
PHE CA   C N S 175 
PHE C    C N N 176 
PHE O    O N N 177 
PHE CB   C N N 178 
PHE CG   C Y N 179 
PHE CD1  C Y N 180 
PHE CD2  C Y N 181 
PHE CE1  C Y N 182 
PHE CE2  C Y N 183 
PHE CZ   C Y N 184 
PHE OXT  O N N 185 
PHE H    H N N 186 
PHE H2   H N N 187 
PHE HA   H N N 188 
PHE HB2  H N N 189 
PHE HB3  H N N 190 
PHE HD1  H N N 191 
PHE HD2  H N N 192 
PHE HE1  H N N 193 
PHE HE2  H N N 194 
PHE HZ   H N N 195 
PHE HXT  H N N 196 
PRO N    N N N 197 
PRO CA   C N S 198 
PRO C    C N N 199 
PRO O    O N N 200 
PRO CB   C N N 201 
PRO CG   C N N 202 
PRO CD   C N N 203 
PRO OXT  O N N 204 
PRO H    H N N 205 
PRO HA   H N N 206 
PRO HB2  H N N 207 
PRO HB3  H N N 208 
PRO HG2  H N N 209 
PRO HG3  H N N 210 
PRO HD2  H N N 211 
PRO HD3  H N N 212 
PRO HXT  H N N 213 
SER N    N N N 214 
SER CA   C N S 215 
SER C    C N N 216 
SER O    O N N 217 
SER CB   C N N 218 
SER OG   O N N 219 
SER OXT  O N N 220 
SER H    H N N 221 
SER H2   H N N 222 
SER HA   H N N 223 
SER HB2  H N N 224 
SER HB3  H N N 225 
SER HG   H N N 226 
SER HXT  H N N 227 
THR N    N N N 228 
THR CA   C N S 229 
THR C    C N N 230 
THR O    O N N 231 
THR CB   C N R 232 
THR OG1  O N N 233 
THR CG2  C N N 234 
THR OXT  O N N 235 
THR H    H N N 236 
THR H2   H N N 237 
THR HA   H N N 238 
THR HB   H N N 239 
THR HG1  H N N 240 
THR HG21 H N N 241 
THR HG22 H N N 242 
THR HG23 H N N 243 
THR HXT  H N N 244 
TRP N    N N N 245 
TRP CA   C N S 246 
TRP C    C N N 247 
TRP O    O N N 248 
TRP CB   C N N 249 
TRP CG   C Y N 250 
TRP CD1  C Y N 251 
TRP CD2  C Y N 252 
TRP NE1  N Y N 253 
TRP CE2  C Y N 254 
TRP CE3  C Y N 255 
TRP CZ2  C Y N 256 
TRP CZ3  C Y N 257 
TRP CH2  C Y N 258 
TRP OXT  O N N 259 
TRP H    H N N 260 
TRP H2   H N N 261 
TRP HA   H N N 262 
TRP HB2  H N N 263 
TRP HB3  H N N 264 
TRP HD1  H N N 265 
TRP HE1  H N N 266 
TRP HE3  H N N 267 
TRP HZ2  H N N 268 
TRP HZ3  H N N 269 
TRP HH2  H N N 270 
TRP HXT  H N N 271 
TYR N    N N N 272 
TYR CA   C N S 273 
TYR C    C N N 274 
TYR O    O N N 275 
TYR CB   C N N 276 
TYR CG   C Y N 277 
TYR CD1  C Y N 278 
TYR CD2  C Y N 279 
TYR CE1  C Y N 280 
TYR CE2  C Y N 281 
TYR CZ   C Y N 282 
TYR OH   O N N 283 
TYR OXT  O N N 284 
TYR H    H N N 285 
TYR H2   H N N 286 
TYR HA   H N N 287 
TYR HB2  H N N 288 
TYR HB3  H N N 289 
TYR HD1  H N N 290 
TYR HD2  H N N 291 
TYR HE1  H N N 292 
TYR HE2  H N N 293 
TYR HH   H N N 294 
TYR HXT  H N N 295 
VAL N    N N N 296 
VAL CA   C N S 297 
VAL C    C N N 298 
VAL O    O N N 299 
VAL CB   C N N 300 
VAL CG1  C N N 301 
VAL CG2  C N N 302 
VAL OXT  O N N 303 
VAL H    H N N 304 
VAL H2   H N N 305 
VAL HA   H N N 306 
VAL HB   H N N 307 
VAL HG11 H N N 308 
VAL HG12 H N N 309 
VAL HG13 H N N 310 
VAL HG21 H N N 311 
VAL HG22 H N N 312 
VAL HG23 H N N 313 
VAL HXT  H N N 314 
# 
loop_
_chem_comp_bond.comp_id 
_chem_comp_bond.atom_id_1 
_chem_comp_bond.atom_id_2 
_chem_comp_bond.value_order 
_chem_comp_bond.pdbx_aromatic_flag 
_chem_comp_bond.pdbx_stereo_config 
_chem_comp_bond.pdbx_ordinal 
ALA N   CA   sing N N 1   
ALA N   H    sing N N 2   
ALA N   H2   sing N N 3   
ALA CA  C    sing N N 4   
ALA CA  CB   sing N N 5   
ALA CA  HA   sing N N 6   
ALA C   O    doub N N 7   
ALA C   OXT  sing N N 8   
ALA CB  HB1  sing N N 9   
ALA CB  HB2  sing N N 10  
ALA CB  HB3  sing N N 11  
ALA OXT HXT  sing N N 12  
ARG N   CA   sing N N 13  
ARG N   H    sing N N 14  
ARG N   H2   sing N N 15  
ARG CA  C    sing N N 16  
ARG CA  CB   sing N N 17  
ARG CA  HA   sing N N 18  
ARG C   O    doub N N 19  
ARG C   OXT  sing N N 20  
ARG CB  CG   sing N N 21  
ARG CB  HB2  sing N N 22  
ARG CB  HB3  sing N N 23  
ARG CG  CD   sing N N 24  
ARG CG  HG2  sing N N 25  
ARG CG  HG3  sing N N 26  
ARG CD  NE   sing N N 27  
ARG CD  HD2  sing N N 28  
ARG CD  HD3  sing N N 29  
ARG NE  CZ   sing N N 30  
ARG NE  HE   sing N N 31  
ARG CZ  NH1  sing N N 32  
ARG CZ  NH2  doub N N 33  
ARG NH1 HH11 sing N N 34  
ARG NH1 HH12 sing N N 35  
ARG NH2 HH21 sing N N 36  
ARG NH2 HH22 sing N N 37  
ARG OXT HXT  sing N N 38  
ASN N   CA   sing N N 39  
ASN N   H    sing N N 40  
ASN N   H2   sing N N 41  
ASN CA  C    sing N N 42  
ASN CA  CB   sing N N 43  
ASN CA  HA   sing N N 44  
ASN C   O    doub N N 45  
ASN C   OXT  sing N N 46  
ASN CB  CG   sing N N 47  
ASN CB  HB2  sing N N 48  
ASN CB  HB3  sing N N 49  
ASN CG  OD1  doub N N 50  
ASN CG  ND2  sing N N 51  
ASN ND2 HD21 sing N N 52  
ASN ND2 HD22 sing N N 53  
ASN OXT HXT  sing N N 54  
GLN N   CA   sing N N 55  
GLN N   H    sing N N 56  
GLN N   H2   sing N N 57  
GLN CA  C    sing N N 58  
GLN CA  CB   sing N N 59  
GLN CA  HA   sing N N 60  
GLN C   O    doub N N 61  
GLN C   OXT  sing N N 62  
GLN CB  CG   sing N N 63  
GLN CB  HB2  sing N N 64  
GLN CB  HB3  sing N N 65  
GLN CG  CD   sing N N 66  
GLN CG  HG2  sing N N 67  
GLN CG  HG3  sing N N 68  
GLN CD  OE1  doub N N 69  
GLN CD  NE2  sing N N 70  
GLN NE2 HE21 sing N N 71  
GLN NE2 HE22 sing N N 72  
GLN OXT HXT  sing N N 73  
GLU N   CA   sing N N 74  
GLU N   H    sing N N 75  
GLU N   H2   sing N N 76  
GLU CA  C    sing N N 77  
GLU CA  CB   sing N N 78  
GLU CA  HA   sing N N 79  
GLU C   O    doub N N 80  
GLU C   OXT  sing N N 81  
GLU CB  CG   sing N N 82  
GLU CB  HB2  sing N N 83  
GLU CB  HB3  sing N N 84  
GLU CG  CD   sing N N 85  
GLU CG  HG2  sing N N 86  
GLU CG  HG3  sing N N 87  
GLU CD  OE1  doub N N 88  
GLU CD  OE2  sing N N 89  
GLU OE2 HE2  sing N N 90  
GLU OXT HXT  sing N N 91  
GLY N   CA   sing N N 92  
GLY N   H    sing N N 93  
GLY N   H2   sing N N 94  
GLY CA  C    sing N N 95  
GLY CA  HA2  sing N N 96  
GLY CA  HA3  sing N N 97  
GLY C   O    doub N N 98  
GLY C   OXT  sing N N 99  
GLY OXT HXT  sing N N 100 
LEU N   CA   sing N N 101 
LEU N   H    sing N N 102 
LEU N   H2   sing N N 103 
LEU CA  C    sing N N 104 
LEU CA  CB   sing N N 105 
LEU CA  HA   sing N N 106 
LEU C   O    doub N N 107 
LEU C   OXT  sing N N 108 
LEU CB  CG   sing N N 109 
LEU CB  HB2  sing N N 110 
LEU CB  HB3  sing N N 111 
LEU CG  CD1  sing N N 112 
LEU CG  CD2  sing N N 113 
LEU CG  HG   sing N N 114 
LEU CD1 HD11 sing N N 115 
LEU CD1 HD12 sing N N 116 
LEU CD1 HD13 sing N N 117 
LEU CD2 HD21 sing N N 118 
LEU CD2 HD22 sing N N 119 
LEU CD2 HD23 sing N N 120 
LEU OXT HXT  sing N N 121 
LYS N   CA   sing N N 122 
LYS N   H    sing N N 123 
LYS N   H2   sing N N 124 
LYS CA  C    sing N N 125 
LYS CA  CB   sing N N 126 
LYS CA  HA   sing N N 127 
LYS C   O    doub N N 128 
LYS C   OXT  sing N N 129 
LYS CB  CG   sing N N 130 
LYS CB  HB2  sing N N 131 
LYS CB  HB3  sing N N 132 
LYS CG  CD   sing N N 133 
LYS CG  HG2  sing N N 134 
LYS CG  HG3  sing N N 135 
LYS CD  CE   sing N N 136 
LYS CD  HD2  sing N N 137 
LYS CD  HD3  sing N N 138 
LYS CE  NZ   sing N N 139 
LYS CE  HE2  sing N N 140 
LYS CE  HE3  sing N N 141 
LYS NZ  HZ1  sing N N 142 
LYS NZ  HZ2  sing N N 143 
LYS NZ  HZ3  sing N N 144 
LYS OXT HXT  sing N N 145 
MET N   CA   sing N N 146 
MET N   H    sing N N 147 
MET N   H2   sing N N 148 
MET CA  C    sing N N 149 
MET CA  CB   sing N N 150 
MET CA  HA   sing N N 151 
MET C   O    doub N N 152 
MET C   OXT  sing N N 153 
MET CB  CG   sing N N 154 
MET CB  HB2  sing N N 155 
MET CB  HB3  sing N N 156 
MET CG  SD   sing N N 157 
MET CG  HG2  sing N N 158 
MET CG  HG3  sing N N 159 
MET SD  CE   sing N N 160 
MET CE  HE1  sing N N 161 
MET CE  HE2  sing N N 162 
MET CE  HE3  sing N N 163 
MET OXT HXT  sing N N 164 
PHE N   CA   sing N N 165 
PHE N   H    sing N N 166 
PHE N   H2   sing N N 167 
PHE CA  C    sing N N 168 
PHE CA  CB   sing N N 169 
PHE CA  HA   sing N N 170 
PHE C   O    doub N N 171 
PHE C   OXT  sing N N 172 
PHE CB  CG   sing N N 173 
PHE CB  HB2  sing N N 174 
PHE CB  HB3  sing N N 175 
PHE CG  CD1  doub Y N 176 
PHE CG  CD2  sing Y N 177 
PHE CD1 CE1  sing Y N 178 
PHE CD1 HD1  sing N N 179 
PHE CD2 CE2  doub Y N 180 
PHE CD2 HD2  sing N N 181 
PHE CE1 CZ   doub Y N 182 
PHE CE1 HE1  sing N N 183 
PHE CE2 CZ   sing Y N 184 
PHE CE2 HE2  sing N N 185 
PHE CZ  HZ   sing N N 186 
PHE OXT HXT  sing N N 187 
PRO N   CA   sing N N 188 
PRO N   CD   sing N N 189 
PRO N   H    sing N N 190 
PRO CA  C    sing N N 191 
PRO CA  CB   sing N N 192 
PRO CA  HA   sing N N 193 
PRO C   O    doub N N 194 
PRO C   OXT  sing N N 195 
PRO CB  CG   sing N N 196 
PRO CB  HB2  sing N N 197 
PRO CB  HB3  sing N N 198 
PRO CG  CD   sing N N 199 
PRO CG  HG2  sing N N 200 
PRO CG  HG3  sing N N 201 
PRO CD  HD2  sing N N 202 
PRO CD  HD3  sing N N 203 
PRO OXT HXT  sing N N 204 
SER N   CA   sing N N 205 
SER N   H    sing N N 206 
SER N   H2   sing N N 207 
SER CA  C    sing N N 208 
SER CA  CB   sing N N 209 
SER CA  HA   sing N N 210 
SER C   O    doub N N 211 
SER C   OXT  sing N N 212 
SER CB  OG   sing N N 213 
SER CB  HB2  sing N N 214 
SER CB  HB3  sing N N 215 
SER OG  HG   sing N N 216 
SER OXT HXT  sing N N 217 
THR N   CA   sing N N 218 
THR N   H    sing N N 219 
THR N   H2   sing N N 220 
THR CA  C    sing N N 221 
THR CA  CB   sing N N 222 
THR CA  HA   sing N N 223 
THR C   O    doub N N 224 
THR C   OXT  sing N N 225 
THR CB  OG1  sing N N 226 
THR CB  CG2  sing N N 227 
THR CB  HB   sing N N 228 
THR OG1 HG1  sing N N 229 
THR CG2 HG21 sing N N 230 
THR CG2 HG22 sing N N 231 
THR CG2 HG23 sing N N 232 
THR OXT HXT  sing N N 233 
TRP N   CA   sing N N 234 
TRP N   H    sing N N 235 
TRP N   H2   sing N N 236 
TRP CA  C    sing N N 237 
TRP CA  CB   sing N N 238 
TRP CA  HA   sing N N 239 
TRP C   O    doub N N 240 
TRP C   OXT  sing N N 241 
TRP CB  CG   sing N N 242 
TRP CB  HB2  sing N N 243 
TRP CB  HB3  sing N N 244 
TRP CG  CD1  doub Y N 245 
TRP CG  CD2  sing Y N 246 
TRP CD1 NE1  sing Y N 247 
TRP CD1 HD1  sing N N 248 
TRP CD2 CE2  doub Y N 249 
TRP CD2 CE3  sing Y N 250 
TRP NE1 CE2  sing Y N 251 
TRP NE1 HE1  sing N N 252 
TRP CE2 CZ2  sing Y N 253 
TRP CE3 CZ3  doub Y N 254 
TRP CE3 HE3  sing N N 255 
TRP CZ2 CH2  doub Y N 256 
TRP CZ2 HZ2  sing N N 257 
TRP CZ3 CH2  sing Y N 258 
TRP CZ3 HZ3  sing N N 259 
TRP CH2 HH2  sing N N 260 
TRP OXT HXT  sing N N 261 
TYR N   CA   sing N N 262 
TYR N   H    sing N N 263 
TYR N   H2   sing N N 264 
TYR CA  C    sing N N 265 
TYR CA  CB   sing N N 266 
TYR CA  HA   sing N N 267 
TYR C   O    doub N N 268 
TYR C   OXT  sing N N 269 
TYR CB  CG   sing N N 270 
TYR CB  HB2  sing N N 271 
TYR CB  HB3  sing N N 272 
TYR CG  CD1  doub Y N 273 
TYR CG  CD2  sing Y N 274 
TYR CD1 CE1  sing Y N 275 
TYR CD1 HD1  sing N N 276 
TYR CD2 CE2  doub Y N 277 
TYR CD2 HD2  sing N N 278 
TYR CE1 CZ   doub Y N 279 
TYR CE1 HE1  sing N N 280 
TYR CE2 CZ   sing Y N 281 
TYR CE2 HE2  sing N N 282 
TYR CZ  OH   sing N N 283 
TYR OH  HH   sing N N 284 
TYR OXT HXT  sing N N 285 
VAL N   CA   sing N N 286 
VAL N   H    sing N N 287 
VAL N   H2   sing N N 288 
VAL CA  C    sing N N 289 
VAL CA  CB   sing N N 290 
VAL CA  HA   sing N N 291 
VAL C   O    doub N N 292 
VAL C   OXT  sing N N 293 
VAL CB  CG1  sing N N 294 
VAL CB  CG2  sing N N 295 
VAL CB  HB   sing N N 296 
VAL CG1 HG11 sing N N 297 
VAL CG1 HG12 sing N N 298 
VAL CG1 HG13 sing N N 299 
VAL CG2 HG21 sing N N 300 
VAL CG2 HG22 sing N N 301 
VAL CG2 HG23 sing N N 302 
VAL OXT HXT  sing N N 303 
# 
_pdbx_nmr_spectrometer.spectrometer_id   1 
_pdbx_nmr_spectrometer.type              ? 
_pdbx_nmr_spectrometer.manufacturer      Bruker 
_pdbx_nmr_spectrometer.model             AMX 
_pdbx_nmr_spectrometer.field_strength    600 
# 
_atom_sites.entry_id                    1EDX 
_atom_sites.fract_transf_matrix[1][1]   1.000000 
_atom_sites.fract_transf_matrix[1][2]   0.000000 
_atom_sites.fract_transf_matrix[1][3]   0.000000 
_atom_sites.fract_transf_matrix[2][1]   0.000000 
_atom_sites.fract_transf_matrix[2][2]   1.000000 
_atom_sites.fract_transf_matrix[2][3]   0.000000 
_atom_sites.fract_transf_matrix[3][1]   0.000000 
_atom_sites.fract_transf_matrix[3][2]   0.000000 
_atom_sites.fract_transf_matrix[3][3]   1.000000 
_atom_sites.fract_transf_vector[1]      0.00000 
_atom_sites.fract_transf_vector[2]      0.00000 
_atom_sites.fract_transf_vector[3]      0.00000 
# 
loop_
_atom_type.symbol 
C 
H 
N 
O 
S 
# 
loop_
_atom_site.group_PDB 
_atom_site.id 
_atom_site.type_symbol 
_atom_site.label_atom_id 
_atom_site.label_alt_id 
_atom_site.label_comp_id 
_atom_site.label_asym_id 
_atom_site.label_entity_id 
_atom_site.label_seq_id 
_atom_site.pdbx_PDB_ins_code 
_atom_site.Cartn_x 
_atom_site.Cartn_y 
_atom_site.Cartn_z 
_atom_site.occupancy 
_atom_site.B_iso_or_equiv 
_atom_site.pdbx_formal_charge 
_atom_site.auth_seq_id 
_atom_site.auth_comp_id 
_atom_site.auth_asym_id 
_atom_site.auth_atom_id 
_atom_site.pdbx_PDB_model_num 
ATOM 1   N N    . MET A 1 1  ? 0.486   -4.048  8.973   1.00 -0.26 ? 1  MET A N    1 
ATOM 2   C CA   . MET A 1 1  ? -0.854  -4.643  9.084   1.00 0.04  ? 1  MET A CA   1 
ATOM 3   C C    . MET A 1 1  ? -1.892  -3.561  9.386   1.00 0.62  ? 1  MET A C    1 
ATOM 4   O O    . MET A 1 1  ? -2.064  -2.673  8.560   1.00 -0.50 ? 1  MET A O    1 
ATOM 5   C CB   . MET A 1 1  ? -0.835  -5.849  10.039  1.00 -0.15 ? 1  MET A CB   1 
ATOM 6   C CG   . MET A 1 1  ? -2.059  -6.761  9.860   1.00 -0.05 ? 1  MET A CG   1 
ATOM 7   S SD   . MET A 1 1  ? -2.096  -8.242  10.902  1.00 0.74  ? 1  MET A SD   1 
ATOM 8   C CE   . MET A 1 1  ? -0.671  -9.160  10.274  1.00 -0.13 ? 1  MET A CE   1 
ATOM 9   H H1   . MET A 1 1  ? 0.919   -3.924  9.872   1.00 0.31  ? 1  MET A H1   1 
ATOM 10  H H2   . MET A 1 1  ? 1.043   -4.673  8.388   1.00 0.31  ? 1  MET A H2   1 
ATOM 11  H H3   . MET A 1 1  ? 0.454   -3.141  8.508   1.00 0.31  ? 1  MET A H3   1 
ATOM 12  H HA   . MET A 1 1  ? -1.098  -5.017  8.089   1.00 0.05  ? 1  MET A HA   1 
ATOM 13  H HB2  . MET A 1 1  ? 0.047   -6.441  9.794   1.00 0.03  ? 1  MET A HB2  1 
ATOM 14  H HB3  . MET A 1 1  ? -0.746  -5.529  11.078  1.00 0.03  ? 1  MET A HB3  1 
ATOM 15  H HG2  . MET A 1 1  ? -2.969  -6.204  10.080  1.00 0.07  ? 1  MET A HG2  1 
ATOM 16  H HG3  . MET A 1 1  ? -2.106  -7.091  8.823   1.00 0.07  ? 1  MET A HG3  1 
ATOM 17  H HE1  . MET A 1 1  ? 0.245   -8.607  10.474  1.00 0.07  ? 1  MET A HE1  1 
ATOM 18  H HE2  . MET A 1 1  ? -0.624  -10.123 10.780  1.00 0.07  ? 1  MET A HE2  1 
ATOM 19  H HE3  . MET A 1 1  ? -0.785  -9.316  9.203   1.00 0.07  ? 1  MET A HE3  1 
ATOM 20  N N    . ASN A 1 2  ? -2.580  -3.615  10.532  1.00 -0.46 ? 2  ASN A N    1 
ATOM 21  C CA   . ASN A 1 2  ? -3.781  -2.830  10.835  1.00 0.04  ? 2  ASN A CA   1 
ATOM 22  C C    . ASN A 1 2  ? -4.915  -3.265  9.901   1.00 0.62  ? 2  ASN A C    1 
ATOM 23  O O    . ASN A 1 2  ? -5.875  -3.890  10.345  1.00 -0.50 ? 2  ASN A O    1 
ATOM 24  C CB   . ASN A 1 2  ? -3.559  -1.305  10.790  1.00 -0.09 ? 2  ASN A CB   1 
ATOM 25  C CG   . ASN A 1 2  ? -2.434  -0.805  11.691  1.00 0.68  ? 2  ASN A CG   1 
ATOM 26  O OD1  . ASN A 1 2  ? -1.980  -1.503  12.593  1.00 -0.47 ? 2  ASN A OD1  1 
ATOM 27  N ND2  . ASN A 1 2  ? -1.967  0.416   11.449  1.00 -0.87 ? 2  ASN A ND2  1 
ATOM 28  H H    . ASN A 1 2  ? -2.363  -4.355  11.181  1.00 0.25  ? 2  ASN A H    1 
ATOM 29  H HA   . ASN A 1 2  ? -4.080  -3.084  11.853  1.00 0.05  ? 2  ASN A HA   1 
ATOM 30  H HB2  . ASN A 1 2  ? -3.371  -0.976  9.772   1.00 0.04  ? 2  ASN A HB2  1 
ATOM 31  H HB3  . ASN A 1 2  ? -4.476  -0.824  11.128  1.00 0.04  ? 2  ASN A HB3  1 
ATOM 32  H HD21 . ASN A 1 2  ? -2.330  0.960   10.669  1.00 0.34  ? 2  ASN A HD21 1 
ATOM 33  H HD22 . ASN A 1 2  ? -1.173  0.756   11.969  1.00 0.34  ? 2  ASN A HD22 1 
ATOM 34  N N    . GLY A 1 3  ? -4.767  -2.976  8.606   1.00 -0.46 ? 3  GLY A N    1 
ATOM 35  C CA   . GLY A 1 3  ? -5.459  -3.662  7.529   1.00 0.04  ? 3  GLY A CA   1 
ATOM 36  C C    . GLY A 1 3  ? -4.484  -4.689  6.955   1.00 0.62  ? 3  GLY A C    1 
ATOM 37  O O    . GLY A 1 3  ? -3.722  -5.281  7.718   1.00 -0.50 ? 3  GLY A O    1 
ATOM 38  H H    . GLY A 1 3  ? -3.907  -2.508  8.340   1.00 0.25  ? 3  GLY A H    1 
ATOM 39  H HA2  . GLY A 1 3  ? -6.363  -4.165  7.874   1.00 0.03  ? 3  GLY A HA2  1 
ATOM 40  H HA3  . GLY A 1 3  ? -5.727  -2.925  6.775   1.00 0.03  ? 3  GLY A HA3  1 
ATOM 41  N N    . THR A 1 4  ? -4.472  -4.879  5.634   1.00 -0.46 ? 4  THR A N    1 
ATOM 42  C CA   . THR A 1 4  ? -3.427  -5.593  4.907   1.00 0.04  ? 4  THR A CA   1 
ATOM 43  C C    . THR A 1 4  ? -3.683  -5.520  3.398   1.00 0.62  ? 4  THR A C    1 
ATOM 44  O O    . THR A 1 4  ? -2.796  -5.143  2.632   1.00 -0.50 ? 4  THR A O    1 
ATOM 45  C CB   . THR A 1 4  ? -3.234  -7.048  5.396   1.00 0.17  ? 4  THR A CB   1 
ATOM 46  O OG1  . THR A 1 4  ? -2.253  -7.692  4.613   1.00 -0.55 ? 4  THR A OG1  1 
ATOM 47  C CG2  . THR A 1 4  ? -4.505  -7.906  5.392   1.00 -0.19 ? 4  THR A CG2  1 
ATOM 48  H H    . THR A 1 4  ? -5.109  -4.304  5.079   1.00 0.25  ? 4  THR A H    1 
ATOM 49  H HA   . THR A 1 4  ? -2.492  -5.067  5.099   1.00 0.05  ? 4  THR A HA   1 
ATOM 50  H HB   . THR A 1 4  ? -2.840  -7.041  6.411   1.00 0.08  ? 4  THR A HB   1 
ATOM 51  H HG1  . THR A 1 4  ? -1.392  -7.317  4.884   1.00 0.31  ? 4  THR A HG1  1 
ATOM 52  H HG21 . THR A 1 4  ? -4.829  -8.119  4.375   1.00 0.07  ? 4  THR A HG21 1 
ATOM 53  H HG22 . THR A 1 4  ? -4.286  -8.854  5.883   1.00 0.07  ? 4  THR A HG22 1 
ATOM 54  H HG23 . THR A 1 4  ? -5.305  -7.407  5.940   1.00 0.07  ? 4  THR A HG23 1 
ATOM 55  N N    . GLU A 1 5  ? -4.868  -5.954  2.951   1.00 -0.46 ? 5  GLU A N    1 
ATOM 56  C CA   . GLU A 1 5  ? -5.252  -6.154  1.551   1.00 0.04  ? 5  GLU A CA   1 
ATOM 57  C C    . GLU A 1 5  ? -4.440  -7.217  0.779   1.00 0.62  ? 5  GLU A C    1 
ATOM 58  O O    . GLU A 1 5  ? -4.979  -7.786  -0.170  1.00 -0.50 ? 5  GLU A O    1 
ATOM 59  C CB   . GLU A 1 5  ? -5.317  -4.823  0.787   1.00 -0.18 ? 5  GLU A CB   1 
ATOM 60  C CG   . GLU A 1 5  ? -6.762  -4.314  0.616   1.00 -0.40 ? 5  GLU A CG   1 
ATOM 61  C CD   . GLU A 1 5  ? -6.849  -3.235  -0.452  1.00 0.71  ? 5  GLU A CD   1 
ATOM 62  O OE1  . GLU A 1 5  ? -6.256  -3.459  -1.538  1.00 -0.72 ? 5  GLU A OE1  1 
ATOM 63  O OE2  . GLU A 1 5  ? -7.385  -2.147  -0.180  1.00 -0.72 ? 5  GLU A OE2  1 
ATOM 64  H H    . GLU A 1 5  ? -5.563  -6.161  3.651   1.00 0.25  ? 5  GLU A H    1 
ATOM 65  H HA   . GLU A 1 5  ? -6.263  -6.560  1.591   1.00 0.05  ? 5  GLU A HA   1 
ATOM 66  H HB2  . GLU A 1 5  ? -4.711  -4.063  1.278   1.00 0.09  ? 5  GLU A HB2  1 
ATOM 67  H HB3  . GLU A 1 5  ? -4.884  -4.987  -0.194  1.00 0.09  ? 5  GLU A HB3  1 
ATOM 68  H HG2  . GLU A 1 5  ? -7.422  -5.122  0.309   1.00 0.07  ? 5  GLU A HG2  1 
ATOM 69  H HG3  . GLU A 1 5  ? -7.125  -3.923  1.569   1.00 0.07  ? 5  GLU A HG3  1 
ATOM 70  N N    . GLY A 1 6  ? -3.175  -7.466  1.150   1.00 -0.46 ? 6  GLY A N    1 
ATOM 71  C CA   . GLY A 1 6  ? -2.232  -8.451  0.617   1.00 0.04  ? 6  GLY A CA   1 
ATOM 72  C C    . GLY A 1 6  ? -2.649  -9.192  -0.665  1.00 0.62  ? 6  GLY A C    1 
ATOM 73  O O    . GLY A 1 6  ? -2.152  -8.858  -1.736  1.00 -0.50 ? 6  GLY A O    1 
ATOM 74  H H    . GLY A 1 6  ? -2.794  -6.860  1.864   1.00 0.25  ? 6  GLY A H    1 
ATOM 75  H HA2  . GLY A 1 6  ? -1.313  -7.910  0.392   1.00 0.03  ? 6  GLY A HA2  1 
ATOM 76  H HA3  . GLY A 1 6  ? -1.979  -9.158  1.404   1.00 0.03  ? 6  GLY A HA3  1 
ATOM 77  N N    . PRO A 1 7  ? -3.506  -10.225 -0.586  1.00 -0.23 ? 7  PRO A N    1 
ATOM 78  C CA   . PRO A 1 7  ? -3.881  -11.031 -1.743  1.00 0.04  ? 7  PRO A CA   1 
ATOM 79  C C    . PRO A 1 7  ? -4.559  -10.257 -2.884  1.00 0.53  ? 7  PRO A C    1 
ATOM 80  O O    . PRO A 1 7  ? -4.453  -10.657 -4.041  1.00 -0.50 ? 7  PRO A O    1 
ATOM 81  C CB   . PRO A 1 7  ? -4.833  -12.102 -1.200  1.00 -0.12 ? 7  PRO A CB   1 
ATOM 82  C CG   . PRO A 1 7  ? -4.442  -12.224 0.272   1.00 -0.12 ? 7  PRO A CG   1 
ATOM 83  C CD   . PRO A 1 7  ? -4.069  -10.788 0.632   1.00 -0.01 ? 7  PRO A CD   1 
ATOM 84  H HA   . PRO A 1 7  ? -2.982  -11.518 -2.126  1.00 0.05  ? 7  PRO A HA   1 
ATOM 85  H HB2  . PRO A 1 7  ? -5.865  -11.748 -1.257  1.00 0.06  ? 7  PRO A HB2  1 
ATOM 86  H HB3  . PRO A 1 7  ? -4.736  -13.047 -1.735  1.00 0.06  ? 7  PRO A HB3  1 
ATOM 87  H HG2  . PRO A 1 7  ? -5.255  -12.610 0.889   1.00 0.06  ? 7  PRO A HG2  1 
ATOM 88  H HG3  . PRO A 1 7  ? -3.562  -12.863 0.360   1.00 0.06  ? 7  PRO A HG3  1 
ATOM 89  H HD2  . PRO A 1 7  ? -4.966  -10.232 0.907   1.00 0.06  ? 7  PRO A HD2  1 
ATOM 90  H HD3  . PRO A 1 7  ? -3.374  -10.803 1.471   1.00 0.06  ? 7  PRO A HD3  1 
ATOM 91  N N    . ASN A 1 8  ? -5.355  -9.236  -2.554  1.00 -0.46 ? 8  ASN A N    1 
ATOM 92  C CA   . ASN A 1 8  ? -6.411  -8.750  -3.440  1.00 0.04  ? 8  ASN A CA   1 
ATOM 93  C C    . ASN A 1 8  ? -5.935  -7.745  -4.502  1.00 0.62  ? 8  ASN A C    1 
ATOM 94  O O    . ASN A 1 8  ? -4.761  -7.381  -4.567  1.00 -0.50 ? 8  ASN A O    1 
ATOM 95  C CB   . ASN A 1 8  ? -7.583  -8.203  -2.603  1.00 -0.09 ? 8  ASN A CB   1 
ATOM 96  C CG   . ASN A 1 8  ? -7.549  -6.684  -2.451  1.00 0.68  ? 8  ASN A CG   1 
ATOM 97  O OD1  . ASN A 1 8  ? -8.490  -6.003  -2.840  1.00 -0.47 ? 8  ASN A OD1  1 
ATOM 98  N ND2  . ASN A 1 8  ? -6.452  -6.150  -1.934  1.00 -0.87 ? 8  ASN A ND2  1 
ATOM 99  H H    . ASN A 1 8  ? -5.333  -8.898  -1.598  1.00 0.25  ? 8  ASN A H    1 
ATOM 100 H HA   . ASN A 1 8  ? -6.798  -9.619  -3.976  1.00 0.05  ? 8  ASN A HA   1 
ATOM 101 H HB2  . ASN A 1 8  ? -8.515  -8.457  -3.112  1.00 0.04  ? 8  ASN A HB2  1 
ATOM 102 H HB3  . ASN A 1 8  ? -7.606  -8.670  -1.618  1.00 0.04  ? 8  ASN A HB3  1 
ATOM 103 H HD21 . ASN A 1 8  ? -5.736  -6.745  -1.530  1.00 0.34  ? 8  ASN A HD21 1 
ATOM 104 H HD22 . ASN A 1 8  ? -6.397  -5.131  -1.837  1.00 0.34  ? 8  ASN A HD22 1 
ATOM 105 N N    . PHE A 1 9  ? -6.897  -7.291  -5.318  1.00 -0.46 ? 9  PHE A N    1 
ATOM 106 C CA   . PHE A 1 9  ? -6.803  -6.209  -6.295  1.00 0.04  ? 9  PHE A CA   1 
ATOM 107 C C    . PHE A 1 9  ? -5.433  -6.099  -6.969  1.00 0.62  ? 9  PHE A C    1 
ATOM 108 O O    . PHE A 1 9  ? -4.703  -5.132  -6.766  1.00 -0.50 ? 9  PHE A O    1 
ATOM 109 C CB   . PHE A 1 9  ? -7.276  -4.882  -5.682  1.00 -0.10 ? 9  PHE A CB   1 
ATOM 110 C CG   . PHE A 1 9  ? -7.608  -3.821  -6.718  1.00 -0.10 ? 9  PHE A CG   1 
ATOM 111 C CD1  . PHE A 1 9  ? -8.854  -3.842  -7.372  1.00 -0.15 ? 9  PHE A CD1  1 
ATOM 112 C CD2  . PHE A 1 9  ? -6.644  -2.867  -7.090  1.00 -0.15 ? 9  PHE A CD2  1 
ATOM 113 C CE1  . PHE A 1 9  ? -9.128  -2.922  -8.399  1.00 -0.15 ? 9  PHE A CE1  1 
ATOM 114 C CE2  . PHE A 1 9  ? -6.901  -1.975  -8.146  1.00 -0.15 ? 9  PHE A CE2  1 
ATOM 115 C CZ   . PHE A 1 9  ? -8.144  -2.000  -8.798  1.00 -0.15 ? 9  PHE A CZ   1 
ATOM 116 H H    . PHE A 1 9  ? -7.820  -7.673  -5.180  1.00 0.25  ? 9  PHE A H    1 
ATOM 117 H HA   . PHE A 1 9  ? -7.520  -6.457  -7.081  1.00 0.05  ? 9  PHE A HA   1 
ATOM 118 H HB2  . PHE A 1 9  ? -8.185  -5.058  -5.108  1.00 0.11  ? 9  PHE A HB2  1 
ATOM 119 H HB3  . PHE A 1 9  ? -6.519  -4.511  -4.988  1.00 0.11  ? 9  PHE A HB3  1 
ATOM 120 H HD1  . PHE A 1 9  ? -9.606  -4.565  -7.088  1.00 0.15  ? 9  PHE A HD1  1 
ATOM 121 H HD2  . PHE A 1 9  ? -5.705  -2.822  -6.561  1.00 0.15  ? 9  PHE A HD2  1 
ATOM 122 H HE1  . PHE A 1 9  ? -10.091 -2.928  -8.888  1.00 0.15  ? 9  PHE A HE1  1 
ATOM 123 H HE2  . PHE A 1 9  ? -6.148  -1.260  -8.448  1.00 0.15  ? 9  PHE A HE2  1 
ATOM 124 H HZ   . PHE A 1 9  ? -8.346  -1.302  -9.599  1.00 0.15  ? 9  PHE A HZ   1 
ATOM 125 N N    . TYR A 1 10 ? -5.123  -7.085  -7.817  1.00 -0.46 ? 10 TYR A N    1 
ATOM 126 C CA   . TYR A 1 10 ? -4.055  -7.010  -8.809  1.00 0.04  ? 10 TYR A CA   1 
ATOM 127 C C    . TYR A 1 10 ? -2.728  -6.538  -8.203  1.00 0.62  ? 10 TYR A C    1 
ATOM 128 O O    . TYR A 1 10 ? -2.048  -5.699  -8.788  1.00 -0.50 ? 10 TYR A O    1 
ATOM 129 C CB   . TYR A 1 10 ? -4.508  -6.109  -9.969  1.00 -0.10 ? 10 TYR A CB   1 
ATOM 130 C CG   . TYR A 1 10 ? -5.908  -6.408  -10.472 1.00 -0.03 ? 10 TYR A CG   1 
ATOM 131 C CD1  . TYR A 1 10 ? -6.161  -7.596  -11.182 1.00 0.00  ? 10 TYR A CD1  1 
ATOM 132 C CD2  . TYR A 1 10 ? -6.977  -5.554  -10.134 1.00 0.00  ? 10 TYR A CD2  1 
ATOM 133 C CE1  . TYR A 1 10 ? -7.476  -7.926  -11.555 1.00 -0.26 ? 10 TYR A CE1  1 
ATOM 134 C CE2  . TYR A 1 10 ? -8.289  -5.886  -10.509 1.00 -0.26 ? 10 TYR A CE2  1 
ATOM 135 C CZ   . TYR A 1 10 ? -8.538  -7.072  -11.221 1.00 0.46  ? 10 TYR A CZ   1 
ATOM 136 O OH   . TYR A 1 10 ? -9.810  -7.406  -11.577 1.00 -0.53 ? 10 TYR A OH   1 
ATOM 137 H H    . TYR A 1 10 ? -5.771  -7.854  -7.893  1.00 0.25  ? 10 TYR A H    1 
ATOM 138 H HA   . TYR A 1 10 ? -3.898  -8.017  -9.199  1.00 0.05  ? 10 TYR A HA   1 
ATOM 139 H HB2  . TYR A 1 10 ? -4.471  -5.070  -9.640  1.00 0.04  ? 10 TYR A HB2  1 
ATOM 140 H HB3  . TYR A 1 10 ? -3.806  -6.220  -10.797 1.00 0.04  ? 10 TYR A HB3  1 
ATOM 141 H HD1  . TYR A 1 10 ? -5.348  -8.262  -11.432 1.00 0.06  ? 10 TYR A HD1  1 
ATOM 142 H HD2  . TYR A 1 10 ? -6.795  -4.649  -9.575  1.00 0.06  ? 10 TYR A HD2  1 
ATOM 143 H HE1  . TYR A 1 10 ? -7.670  -8.840  -12.097 1.00 0.10  ? 10 TYR A HE1  1 
ATOM 144 H HE2  . TYR A 1 10 ? -9.100  -5.225  -10.244 1.00 0.10  ? 10 TYR A HE2  1 
ATOM 145 H HH   . TYR A 1 10 ? -10.460 -6.752  -11.313 1.00 0.33  ? 10 TYR A HH   1 
ATOM 146 N N    . VAL A 1 11 ? -2.386  -7.092  -7.034  1.00 -0.46 ? 11 VAL A N    1 
ATOM 147 C CA   . VAL A 1 11 ? -1.303  -6.643  -6.166  1.00 0.04  ? 11 VAL A CA   1 
ATOM 148 C C    . VAL A 1 11 ? -1.697  -5.287  -5.556  1.00 0.62  ? 11 VAL A C    1 
ATOM 149 O O    . VAL A 1 11 ? -1.750  -4.287  -6.270  1.00 -0.50 ? 11 VAL A O    1 
ATOM 150 C CB   . VAL A 1 11 ? 0.067   -6.602  -6.878  1.00 -0.01 ? 11 VAL A CB   1 
ATOM 151 C CG1  . VAL A 1 11 ? 1.182   -6.316  -5.862  1.00 -0.09 ? 11 VAL A CG1  1 
ATOM 152 C CG2  . VAL A 1 11 ? 0.374   -7.933  -7.576  1.00 -0.09 ? 11 VAL A CG2  1 
ATOM 153 H H    . VAL A 1 11 ? -3.053  -7.729  -6.621  1.00 0.25  ? 11 VAL A H    1 
ATOM 154 H HA   . VAL A 1 11 ? -1.229  -7.411  -5.401  1.00 0.05  ? 11 VAL A HA   1 
ATOM 155 H HB   . VAL A 1 11 ? 0.093   -5.803  -7.619  1.00 0.02  ? 11 VAL A HB   1 
ATOM 156 H HG11 . VAL A 1 11 ? 1.207   -7.096  -5.100  1.00 0.03  ? 11 VAL A HG11 1 
ATOM 157 H HG12 . VAL A 1 11 ? 2.145   -6.291  -6.372  1.00 0.03  ? 11 VAL A HG12 1 
ATOM 158 H HG13 . VAL A 1 11 ? 1.024   -5.352  -5.381  1.00 0.03  ? 11 VAL A HG13 1 
ATOM 159 H HG21 . VAL A 1 11 ? -0.342  -8.121  -8.376  1.00 0.03  ? 11 VAL A HG21 1 
ATOM 160 H HG22 . VAL A 1 11 ? 1.372   -7.897  -8.015  1.00 0.03  ? 11 VAL A HG22 1 
ATOM 161 H HG23 . VAL A 1 11 ? 0.331   -8.752  -6.858  1.00 0.03  ? 11 VAL A HG23 1 
ATOM 162 N N    . PRO A 1 12 ? -1.937  -5.202  -4.237  1.00 -0.23 ? 12 PRO A N    1 
ATOM 163 C CA   . PRO A 1 12 ? -2.627  -4.078  -3.603  1.00 0.04  ? 12 PRO A CA   1 
ATOM 164 C C    . PRO A 1 12 ? -1.855  -2.749  -3.579  1.00 0.53  ? 12 PRO A C    1 
ATOM 165 O O    . PRO A 1 12 ? -2.323  -1.782  -2.974  1.00 -0.50 ? 12 PRO A O    1 
ATOM 166 C CB   . PRO A 1 12 ? -2.970  -4.573  -2.197  1.00 -0.12 ? 12 PRO A CB   1 
ATOM 167 C CG   . PRO A 1 12 ? -1.899  -5.614  -1.909  1.00 -0.12 ? 12 PRO A CG   1 
ATOM 168 C CD   . PRO A 1 12 ? -1.716  -6.264  -3.272  1.00 -0.01 ? 12 PRO A CD   1 
ATOM 169 H HA   . PRO A 1 12 ? -3.561  -3.893  -4.138  1.00 0.05  ? 12 PRO A HA   1 
ATOM 170 H HB2  . PRO A 1 12 ? -2.965  -3.802  -1.433  1.00 0.06  ? 12 PRO A HB2  1 
ATOM 171 H HB3  . PRO A 1 12 ? -3.940  -5.069  -2.240  1.00 0.06  ? 12 PRO A HB3  1 
ATOM 172 H HG2  . PRO A 1 12 ? -0.971  -5.128  -1.605  1.00 0.06  ? 12 PRO A HG2  1 
ATOM 173 H HG3  . PRO A 1 12 ? -2.219  -6.319  -1.147  1.00 0.06  ? 12 PRO A HG3  1 
ATOM 174 H HD2  . PRO A 1 12 ? -0.715  -6.696  -3.336  1.00 0.06  ? 12 PRO A HD2  1 
ATOM 175 H HD3  . PRO A 1 12 ? -2.473  -7.034  -3.416  1.00 0.06  ? 12 PRO A HD3  1 
ATOM 176 N N    . PHE A 1 13 ? -0.717  -2.674  -4.272  1.00 -0.46 ? 13 PHE A N    1 
ATOM 177 C CA   . PHE A 1 13 ? -0.130  -1.432  -4.756  1.00 0.04  ? 13 PHE A CA   1 
ATOM 178 C C    . PHE A 1 13 ? -1.134  -0.721  -5.676  1.00 0.62  ? 13 PHE A C    1 
ATOM 179 O O    . PHE A 1 13 ? -1.311  0.493   -5.605  1.00 -0.50 ? 13 PHE A O    1 
ATOM 180 C CB   . PHE A 1 13 ? 1.166   -1.788  -5.510  1.00 -0.10 ? 13 PHE A CB   1 
ATOM 181 C CG   . PHE A 1 13 ? 1.688   -0.731  -6.466  1.00 -0.10 ? 13 PHE A CG   1 
ATOM 182 C CD1  . PHE A 1 13 ? 1.260   -0.730  -7.809  1.00 -0.15 ? 13 PHE A CD1  1 
ATOM 183 C CD2  . PHE A 1 13 ? 2.604   0.243   -6.028  1.00 -0.15 ? 13 PHE A CD2  1 
ATOM 184 C CE1  . PHE A 1 13 ? 1.697   0.273   -8.691  1.00 -0.15 ? 13 PHE A CE1  1 
ATOM 185 C CE2  . PHE A 1 13 ? 3.045   1.242   -6.915  1.00 -0.15 ? 13 PHE A CE2  1 
ATOM 186 C CZ   . PHE A 1 13 ? 2.585   1.263   -8.242  1.00 -0.15 ? 13 PHE A CZ   1 
ATOM 187 H H    . PHE A 1 13 ? -0.413  -3.516  -4.733  1.00 0.25  ? 13 PHE A H    1 
ATOM 188 H HA   . PHE A 1 13 ? 0.106   -0.779  -3.916  1.00 0.05  ? 13 PHE A HA   1 
ATOM 189 H HB2  . PHE A 1 13 ? 1.938   -2.029  -4.780  1.00 0.11  ? 13 PHE A HB2  1 
ATOM 190 H HB3  . PHE A 1 13 ? 0.995   -2.686  -6.106  1.00 0.11  ? 13 PHE A HB3  1 
ATOM 191 H HD1  . PHE A 1 13 ? 0.586   -1.493  -8.172  1.00 0.15  ? 13 PHE A HD1  1 
ATOM 192 H HD2  . PHE A 1 13 ? 2.953   0.240   -5.007  1.00 0.15  ? 13 PHE A HD2  1 
ATOM 193 H HE1  . PHE A 1 13 ? 1.347   0.282   -9.713  1.00 0.15  ? 13 PHE A HE1  1 
ATOM 194 H HE2  . PHE A 1 13 ? 3.731   2.006   -6.585  1.00 0.15  ? 13 PHE A HE2  1 
ATOM 195 H HZ   . PHE A 1 13 ? 2.916   2.039   -8.917  1.00 0.15  ? 13 PHE A HZ   1 
ATOM 196 N N    . SER A 1 14 ? -1.773  -1.495  -6.555  1.00 -0.46 ? 14 SER A N    1 
ATOM 197 C CA   . SER A 1 14 ? -2.542  -1.028  -7.699  1.00 0.04  ? 14 SER A CA   1 
ATOM 198 C C    . SER A 1 14 ? -3.600  0.027   -7.336  1.00 0.62  ? 14 SER A C    1 
ATOM 199 O O    . SER A 1 14 ? -3.813  0.965   -8.101  1.00 -0.50 ? 14 SER A O    1 
ATOM 200 C CB   . SER A 1 14 ? -3.127  -2.262  -8.407  1.00 0.02  ? 14 SER A CB   1 
ATOM 201 O OG   . SER A 1 14 ? -3.836  -1.905  -9.576  1.00 -0.55 ? 14 SER A OG   1 
ATOM 202 H H    . SER A 1 14 ? -1.616  -2.495  -6.494  1.00 0.25  ? 14 SER A H    1 
ATOM 203 H HA   . SER A 1 14 ? -1.845  -0.555  -8.392  1.00 0.05  ? 14 SER A HA   1 
ATOM 204 H HB2  . SER A 1 14 ? -2.313  -2.932  -8.692  1.00 0.12  ? 14 SER A HB2  1 
ATOM 205 H HB3  . SER A 1 14 ? -3.783  -2.807  -7.730  1.00 0.12  ? 14 SER A HB3  1 
ATOM 206 H HG   . SER A 1 14 ? -4.136  -2.708  -10.014 1.00 0.31  ? 14 SER A HG   1 
ATOM 207 N N    . ASN A 1 15 ? -4.273  -0.115  -6.188  1.00 -0.46 ? 15 ASN A N    1 
ATOM 208 C CA   . ASN A 1 15 ? -5.347  0.786   -5.766  1.00 0.04  ? 15 ASN A CA   1 
ATOM 209 C C    . ASN A 1 15 ? -4.833  1.948   -4.902  1.00 0.62  ? 15 ASN A C    1 
ATOM 210 O O    . ASN A 1 15 ? -4.544  3.021   -5.423  1.00 -0.50 ? 15 ASN A O    1 
ATOM 211 C CB   . ASN A 1 15 ? -6.521  0.015   -5.122  1.00 -0.09 ? 15 ASN A CB   1 
ATOM 212 C CG   . ASN A 1 15 ? -6.094  -1.019  -4.085  1.00 0.68  ? 15 ASN A CG   1 
ATOM 213 O OD1  . ASN A 1 15 ? -4.930  -1.049  -3.693  1.00 -0.47 ? 15 ASN A OD1  1 
ATOM 214 N ND2  . ASN A 1 15 ? -7.011  -1.854  -3.611  1.00 -0.87 ? 15 ASN A ND2  1 
ATOM 215 H H    . ASN A 1 15 ? -3.996  -0.845  -5.545  1.00 0.25  ? 15 ASN A H    1 
ATOM 216 H HA   . ASN A 1 15 ? -5.778  1.253   -6.654  1.00 0.05  ? 15 ASN A HA   1 
ATOM 217 H HB2  . ASN A 1 15 ? -7.199  0.728   -4.652  1.00 0.04  ? 15 ASN A HB2  1 
ATOM 218 H HB3  . ASN A 1 15 ? -7.078  -0.492  -5.905  1.00 0.04  ? 15 ASN A HB3  1 
ATOM 219 H HD21 . ASN A 1 15 ? -7.961  -1.821  -3.944  1.00 0.34  ? 15 ASN A HD21 1 
ATOM 220 H HD22 . ASN A 1 15 ? -6.770  -2.518  -2.862  1.00 0.34  ? 15 ASN A HD22 1 
ATOM 221 N N    . LYS A 1 16 ? -4.781  1.803   -3.571  1.00 -0.46 ? 16 LYS A N    1 
ATOM 222 C CA   . LYS A 1 16 ? -4.829  2.968   -2.681  1.00 0.04  ? 16 LYS A CA   1 
ATOM 223 C C    . LYS A 1 16 ? -3.488  3.688   -2.482  1.00 0.62  ? 16 LYS A C    1 
ATOM 224 O O    . LYS A 1 16 ? -3.384  4.546   -1.606  1.00 -0.50 ? 16 LYS A O    1 
ATOM 225 C CB   . LYS A 1 16 ? -5.540  2.636   -1.353  1.00 -0.10 ? 16 LYS A CB   1 
ATOM 226 C CG   . LYS A 1 16 ? -4.670  2.042   -0.231  1.00 -0.16 ? 16 LYS A CG   1 
ATOM 227 C CD   . LYS A 1 16 ? -3.963  0.734   -0.598  1.00 -0.18 ? 16 LYS A CD   1 
ATOM 228 C CE   . LYS A 1 16 ? -4.971  -0.409  -0.736  1.00 -0.04 ? 16 LYS A CE   1 
ATOM 229 N NZ   . LYS A 1 16 ? -4.322  -1.642  -1.210  1.00 -0.14 ? 16 LYS A NZ   1 
ATOM 230 H H    . LYS A 1 16 ? -4.912  0.878   -3.186  1.00 0.25  ? 16 LYS A H    1 
ATOM 231 H HA   . LYS A 1 16 ? -5.479  3.698   -3.166  1.00 0.05  ? 16 LYS A HA   1 
ATOM 232 H HB2  . LYS A 1 16 ? -5.939  3.572   -0.961  1.00 0.04  ? 16 LYS A HB2  1 
ATOM 233 H HB3  . LYS A 1 16 ? -6.396  1.992   -1.552  1.00 0.04  ? 16 LYS A HB3  1 
ATOM 234 H HG2  . LYS A 1 16 ? -3.919  2.771   0.074   1.00 0.12  ? 16 LYS A HG2  1 
ATOM 235 H HG3  . LYS A 1 16 ? -5.308  1.864   0.638   1.00 0.12  ? 16 LYS A HG3  1 
ATOM 236 H HD2  . LYS A 1 16 ? -3.375  0.858   -1.508  1.00 0.12  ? 16 LYS A HD2  1 
ATOM 237 H HD3  . LYS A 1 16 ? -3.286  0.481   0.216   1.00 0.12  ? 16 LYS A HD3  1 
ATOM 238 H HE2  . LYS A 1 16 ? -5.438  -0.601  0.229   1.00 0.10  ? 16 LYS A HE2  1 
ATOM 239 H HE3  . LYS A 1 16 ? -5.767  -0.151  -1.429  1.00 0.10  ? 16 LYS A HE3  1 
ATOM 240 H HZ1  . LYS A 1 16 ? -3.664  -2.003  -0.540  1.00 0.29  ? 16 LYS A HZ1  1 
ATOM 241 H HZ2  . LYS A 1 16 ? -5.037  -2.343  -1.385  1.00 0.29  ? 16 LYS A HZ2  1 
ATOM 242 H HZ3  . LYS A 1 16 ? -3.858  -1.491  -2.109  1.00 0.29  ? 16 LYS A HZ3  1 
ATOM 243 N N    . THR A 1 17 ? -2.468  3.377   -3.285  1.00 -0.46 ? 17 THR A N    1 
ATOM 244 C CA   . THR A 1 17 ? -1.189  4.074   -3.257  1.00 0.04  ? 17 THR A CA   1 
ATOM 245 C C    . THR A 1 17 ? -1.423  5.562   -3.476  1.00 0.62  ? 17 THR A C    1 
ATOM 246 O O    . THR A 1 17 ? -1.180  6.370   -2.583  1.00 -0.50 ? 17 THR A O    1 
ATOM 247 C CB   . THR A 1 17 ? -0.301  3.511   -4.370  1.00 0.17  ? 17 THR A CB   1 
ATOM 248 O OG1  . THR A 1 17 ? -1.110  3.242   -5.503  1.00 -0.55 ? 17 THR A OG1  1 
ATOM 249 C CG2  . THR A 1 17 ? 0.398   2.243   -3.890  1.00 -0.19 ? 17 THR A CG2  1 
ATOM 250 H H    . THR A 1 17 ? -2.624  2.772   -4.081  1.00 0.25  ? 17 THR A H    1 
ATOM 251 H HA   . THR A 1 17 ? -0.707  3.934   -2.287  1.00 0.05  ? 17 THR A HA   1 
ATOM 252 H HB   . THR A 1 17 ? 0.467   4.239   -4.643  1.00 0.08  ? 17 THR A HB   1 
ATOM 253 H HG1  . THR A 1 17 ? -1.122  2.288   -5.668  1.00 0.31  ? 17 THR A HG1  1 
ATOM 254 H HG21 . THR A 1 17 ? -0.318  1.559   -3.432  1.00 0.07  ? 17 THR A HG21 1 
ATOM 255 H HG22 . THR A 1 17 ? 0.882   1.760   -4.735  1.00 0.07  ? 17 THR A HG22 1 
ATOM 256 H HG23 . THR A 1 17 ? 1.157   2.515   -3.161  1.00 0.07  ? 17 THR A HG23 1 
ATOM 257 N N    . GLY A 1 18 ? -1.931  5.903   -4.662  1.00 -0.46 ? 18 GLY A N    1 
ATOM 258 C CA   . GLY A 1 18 ? -2.248  7.270   -5.053  1.00 0.04  ? 18 GLY A CA   1 
ATOM 259 C C    . GLY A 1 18 ? -3.035  8.005   -3.967  1.00 0.62  ? 18 GLY A C    1 
ATOM 260 O O    . GLY A 1 18 ? -2.777  9.174   -3.688  1.00 -0.50 ? 18 GLY A O    1 
ATOM 261 H H    . GLY A 1 18 ? -2.058  5.150   -5.332  1.00 0.25  ? 18 GLY A H    1 
ATOM 262 H HA2  . GLY A 1 18 ? -1.323  7.805   -5.265  1.00 0.03  ? 18 GLY A HA2  1 
ATOM 263 H HA3  . GLY A 1 18 ? -2.851  7.243   -5.961  1.00 0.03  ? 18 GLY A HA3  1 
ATOM 264 N N    . VAL A 1 19 ? -3.997  7.313   -3.351  1.00 -0.46 ? 19 VAL A N    1 
ATOM 265 C CA   . VAL A 1 19 ? -4.849  7.883   -2.321  1.00 0.04  ? 19 VAL A CA   1 
ATOM 266 C C    . VAL A 1 19 ? -4.039  8.168   -1.051  1.00 0.62  ? 19 VAL A C    1 
ATOM 267 O O    . VAL A 1 19 ? -3.933  9.318   -0.633  1.00 -0.50 ? 19 VAL A O    1 
ATOM 268 C CB   . VAL A 1 19 ? -6.048  6.951   -2.057  1.00 -0.01 ? 19 VAL A CB   1 
ATOM 269 C CG1  . VAL A 1 19 ? -6.991  7.551   -1.006  1.00 -0.09 ? 19 VAL A CG1  1 
ATOM 270 C CG2  . VAL A 1 19 ? -6.847  6.701   -3.345  1.00 -0.09 ? 19 VAL A CG2  1 
ATOM 271 H H    . VAL A 1 19 ? -4.128  6.347   -3.605  1.00 0.25  ? 19 VAL A H    1 
ATOM 272 H HA   . VAL A 1 19 ? -5.239  8.834   -2.689  1.00 0.05  ? 19 VAL A HA   1 
ATOM 273 H HB   . VAL A 1 19 ? -5.691  5.989   -1.690  1.00 0.02  ? 19 VAL A HB   1 
ATOM 274 H HG11 . VAL A 1 19 ? -7.347  8.527   -1.336  1.00 0.03  ? 19 VAL A HG11 1 
ATOM 275 H HG12 . VAL A 1 19 ? -7.847  6.891   -0.859  1.00 0.03  ? 19 VAL A HG12 1 
ATOM 276 H HG13 . VAL A 1 19 ? -6.479  7.663   -0.049  1.00 0.03  ? 19 VAL A HG13 1 
ATOM 277 H HG21 . VAL A 1 19 ? -6.238  6.185   -4.087  1.00 0.03  ? 19 VAL A HG21 1 
ATOM 278 H HG22 . VAL A 1 19 ? -7.714  6.078   -3.124  1.00 0.03  ? 19 VAL A HG22 1 
ATOM 279 H HG23 . VAL A 1 19 ? -7.190  7.650   -3.761  1.00 0.03  ? 19 VAL A HG23 1 
ATOM 280 N N    . VAL A 1 20 ? -3.513  7.125   -0.402  1.00 -0.46 ? 20 VAL A N    1 
ATOM 281 C CA   . VAL A 1 20 ? -3.002  7.229   0.962   1.00 0.04  ? 20 VAL A CA   1 
ATOM 282 C C    . VAL A 1 20 ? -1.528  7.644   0.981   1.00 0.62  ? 20 VAL A C    1 
ATOM 283 O O    . VAL A 1 20 ? -1.097  8.364   1.878   1.00 -0.50 ? 20 VAL A O    1 
ATOM 284 C CB   . VAL A 1 20 ? -3.227  5.903   1.716   1.00 -0.01 ? 20 VAL A CB   1 
ATOM 285 C CG1  . VAL A 1 20 ? -2.828  6.044   3.193   1.00 -0.09 ? 20 VAL A CG1  1 
ATOM 286 C CG2  . VAL A 1 20 ? -4.701  5.473   1.661   1.00 -0.09 ? 20 VAL A CG2  1 
ATOM 287 H H    . VAL A 1 20 ? -3.564  6.205   -0.829  1.00 0.25  ? 20 VAL A H    1 
ATOM 288 H HA   . VAL A 1 20 ? -3.566  8.000   1.490   1.00 0.05  ? 20 VAL A HA   1 
ATOM 289 H HB   . VAL A 1 20 ? -2.623  5.116   1.260   1.00 0.02  ? 20 VAL A HB   1 
ATOM 290 H HG11 . VAL A 1 20 ? -1.754  6.199   3.290   1.00 0.03  ? 20 VAL A HG11 1 
ATOM 291 H HG12 . VAL A 1 20 ? -3.353  6.887   3.643   1.00 0.03  ? 20 VAL A HG12 1 
ATOM 292 H HG13 . VAL A 1 20 ? -3.092  5.140   3.741   1.00 0.03  ? 20 VAL A HG13 1 
ATOM 293 H HG21 . VAL A 1 20 ? -5.008  5.275   0.634   1.00 0.03  ? 20 VAL A HG21 1 
ATOM 294 H HG22 . VAL A 1 20 ? -4.839  4.559   2.238   1.00 0.03  ? 20 VAL A HG22 1 
ATOM 295 H HG23 . VAL A 1 20 ? -5.334  6.257   2.078   1.00 0.03  ? 20 VAL A HG23 1 
ATOM 296 N N    . ARG A 1 21 ? -0.741  7.153   0.021   1.00 -0.46 ? 21 ARG A N    1 
ATOM 297 C CA   . ARG A 1 21 ? 0.704   7.329   -0.037  1.00 0.04  ? 21 ARG A CA   1 
ATOM 298 C C    . ARG A 1 21 ? 1.051   7.912   -1.406  1.00 0.62  ? 21 ARG A C    1 
ATOM 299 O O    . ARG A 1 21 ? 1.805   7.329   -2.180  1.00 -0.50 ? 21 ARG A O    1 
ATOM 300 C CB   . ARG A 1 21 ? 1.391   5.977   0.220   1.00 -0.08 ? 21 ARG A CB   1 
ATOM 301 C CG   . ARG A 1 21 ? 1.050   5.361   1.588   1.00 -0.10 ? 21 ARG A CG   1 
ATOM 302 C CD   . ARG A 1 21 ? 1.664   6.102   2.781   1.00 -0.23 ? 21 ARG A CD   1 
ATOM 303 N NE   . ARG A 1 21 ? 3.093   5.780   2.943   1.00 -0.32 ? 21 ARG A NE   1 
ATOM 304 C CZ   . ARG A 1 21 ? 3.617   4.887   3.799   1.00 0.76  ? 21 ARG A CZ   1 
ATOM 305 N NH1  . ARG A 1 21 ? 2.831   4.059   4.490   1.00 -0.62 ? 21 ARG A NH1  1 
ATOM 306 N NH2  . ARG A 1 21 ? 4.941   4.840   3.948   1.00 -0.62 ? 21 ARG A NH2  1 
ATOM 307 H H    . ARG A 1 21 ? -1.171  6.664   -0.758  1.00 0.25  ? 21 ARG A H    1 
ATOM 308 H HA   . ARG A 1 21 ? 1.046   8.052   0.701   1.00 0.05  ? 21 ARG A HA   1 
ATOM 309 H HB2  . ARG A 1 21 ? 1.062   5.291   -0.561  1.00 0.06  ? 21 ARG A HB2  1 
ATOM 310 H HB3  . ARG A 1 21 ? 2.469   6.094   0.136   1.00 0.06  ? 21 ARG A HB3  1 
ATOM 311 H HG2  . ARG A 1 21 ? -0.031  5.334   1.711   1.00 0.07  ? 21 ARG A HG2  1 
ATOM 312 H HG3  . ARG A 1 21 ? 1.418   4.336   1.606   1.00 0.07  ? 21 ARG A HG3  1 
ATOM 313 H HD2  . ARG A 1 21 ? 1.560   7.179   2.653   1.00 0.13  ? 21 ARG A HD2  1 
ATOM 314 H HD3  . ARG A 1 21 ? 1.109   5.849   3.686   1.00 0.13  ? 21 ARG A HD3  1 
ATOM 315 H HE   . ARG A 1 21 ? 3.778   6.348   2.434   1.00 0.27  ? 21 ARG A HE   1 
ATOM 316 H HH11 . ARG A 1 21 ? 1.843   3.979   4.308   1.00 0.36  ? 21 ARG A HH11 1 
ATOM 317 H HH12 . ARG A 1 21 ? 3.197   3.604   5.329   1.00 0.36  ? 21 ARG A HH12 1 
ATOM 318 H HH21 . ARG A 1 21 ? 5.475   5.534   3.406   1.00 0.36  ? 21 ARG A HH21 1 
ATOM 319 H HH22 . ARG A 1 21 ? 5.410   4.131   4.515   1.00 0.36  ? 21 ARG A HH22 1 
ATOM 320 N N    . SER A 1 22 ? 0.468   9.075   -1.695  1.00 -0.46 ? 22 SER A N    1 
ATOM 321 C CA   . SER A 1 22 ? 0.467   9.724   -2.993  1.00 0.04  ? 22 SER A CA   1 
ATOM 322 C C    . SER A 1 22 ? 1.837   9.994   -3.638  1.00 0.62  ? 22 SER A C    1 
ATOM 323 O O    . SER A 1 22 ? 1.939   9.802   -4.848  1.00 -0.50 ? 22 SER A O    1 
ATOM 324 C CB   . SER A 1 22 ? -0.349  11.015  -2.874  1.00 0.02  ? 22 SER A CB   1 
ATOM 325 O OG   . SER A 1 22 ? -1.411  10.813  -1.958  1.00 -0.55 ? 22 SER A OG   1 
ATOM 326 H H    . SER A 1 22 ? -0.188  9.475   -1.034  1.00 0.25  ? 22 SER A H    1 
ATOM 327 H HA   . SER A 1 22 ? -0.077  9.057   -3.661  1.00 0.05  ? 22 SER A HA   1 
ATOM 328 H HB2  . SER A 1 22 ? 0.276   11.828  -2.503  1.00 0.12  ? 22 SER A HB2  1 
ATOM 329 H HB3  . SER A 1 22 ? -0.741  11.296  -3.854  1.00 0.12  ? 22 SER A HB3  1 
ATOM 330 H HG   . SER A 1 22 ? -2.071  10.239  -2.375  1.00 0.31  ? 22 SER A HG   1 
ATOM 331 N N    . PRO A 1 23 ? 2.854   10.495  -2.905  1.00 -0.23 ? 23 PRO A N    1 
ATOM 332 C CA   . PRO A 1 23 ? 4.065   11.080  -3.476  1.00 0.04  ? 23 PRO A CA   1 
ATOM 333 C C    . PRO A 1 23 ? 4.677   10.411  -4.716  1.00 0.53  ? 23 PRO A C    1 
ATOM 334 O O    . PRO A 1 23 ? 4.911   11.108  -5.700  1.00 -0.50 ? 23 PRO A O    1 
ATOM 335 C CB   . PRO A 1 23 ? 5.052   11.234  -2.318  1.00 -0.12 ? 23 PRO A CB   1 
ATOM 336 C CG   . PRO A 1 23 ? 4.110   11.539  -1.156  1.00 -0.12 ? 23 PRO A CG   1 
ATOM 337 C CD   . PRO A 1 23 ? 2.896   10.655  -1.456  1.00 -0.01 ? 23 PRO A CD   1 
ATOM 338 H HA   . PRO A 1 23 ? 3.782   12.090  -3.780  1.00 0.05  ? 23 PRO A HA   1 
ATOM 339 H HB2  . PRO A 1 23 ? 5.581   10.301  -2.127  1.00 0.06  ? 23 PRO A HB2  1 
ATOM 340 H HB3  . PRO A 1 23 ? 5.766   12.040  -2.493  1.00 0.06  ? 23 PRO A HB3  1 
ATOM 341 H HG2  . PRO A 1 23 ? 4.558   11.311  -0.188  1.00 0.06  ? 23 PRO A HG2  1 
ATOM 342 H HG3  . PRO A 1 23 ? 3.814   12.588  -1.194  1.00 0.06  ? 23 PRO A HG3  1 
ATOM 343 H HD2  . PRO A 1 23 ? 3.062   9.684   -0.989  1.00 0.06  ? 23 PRO A HD2  1 
ATOM 344 H HD3  . PRO A 1 23 ? 1.998   11.119  -1.050  1.00 0.06  ? 23 PRO A HD3  1 
ATOM 345 N N    . PHE A 1 24 ? 4.989   9.111   -4.738  1.00 -0.46 ? 24 PHE A N    1 
ATOM 346 C CA   . PHE A 1 24 ? 4.829   8.089   -3.715  1.00 0.04  ? 24 PHE A CA   1 
ATOM 347 C C    . PHE A 1 24 ? 6.212   7.663   -3.222  1.00 0.62  ? 24 PHE A C    1 
ATOM 348 O O    . PHE A 1 24 ? 7.142   7.552   -4.020  1.00 -0.50 ? 24 PHE A O    1 
ATOM 349 C CB   . PHE A 1 24 ? 4.043   6.913   -4.316  1.00 -0.10 ? 24 PHE A CB   1 
ATOM 350 C CG   . PHE A 1 24 ? 4.376   6.541   -5.755  1.00 -0.10 ? 24 PHE A CG   1 
ATOM 351 C CD1  . PHE A 1 24 ? 5.577   5.876   -6.077  1.00 -0.15 ? 24 PHE A CD1  1 
ATOM 352 C CD2  . PHE A 1 24 ? 3.484   6.892   -6.787  1.00 -0.15 ? 24 PHE A CD2  1 
ATOM 353 C CE1  . PHE A 1 24 ? 5.862   5.529   -7.408  1.00 -0.15 ? 24 PHE A CE1  1 
ATOM 354 C CE2  . PHE A 1 24 ? 3.763   6.532   -8.117  1.00 -0.15 ? 24 PHE A CE2  1 
ATOM 355 C CZ   . PHE A 1 24 ? 4.949   5.846   -8.428  1.00 -0.15 ? 24 PHE A CZ   1 
ATOM 356 H H    . PHE A 1 24 ? 5.425   8.787   -5.589  1.00 0.25  ? 24 PHE A H    1 
ATOM 357 H HA   . PHE A 1 24 ? 4.272   8.450   -2.854  1.00 0.05  ? 24 PHE A HA   1 
ATOM 358 H HB2  . PHE A 1 24 ? 4.144   6.043   -3.669  1.00 0.11  ? 24 PHE A HB2  1 
ATOM 359 H HB3  . PHE A 1 24 ? 2.991   7.196   -4.299  1.00 0.11  ? 24 PHE A HB3  1 
ATOM 360 H HD1  . PHE A 1 24 ? 6.292   5.618   -5.315  1.00 0.15  ? 24 PHE A HD1  1 
ATOM 361 H HD2  . PHE A 1 24 ? 2.587   7.455   -6.567  1.00 0.15  ? 24 PHE A HD2  1 
ATOM 362 H HE1  . PHE A 1 24 ? 6.793   5.031   -7.644  1.00 0.15  ? 24 PHE A HE1  1 
ATOM 363 H HE2  . PHE A 1 24 ? 3.071   6.799   -8.903  1.00 0.15  ? 24 PHE A HE2  1 
ATOM 364 H HZ   . PHE A 1 24 ? 5.169   5.579   -9.453  1.00 0.15  ? 24 PHE A HZ   1 
ATOM 365 N N    . GLU A 1 25 ? 6.359   7.424   -1.918  1.00 -0.46 ? 25 GLU A N    1 
ATOM 366 C CA   . GLU A 1 25 ? 7.602   6.987   -1.297  1.00 0.04  ? 25 GLU A CA   1 
ATOM 367 C C    . GLU A 1 25 ? 7.605   5.459   -1.186  1.00 0.62  ? 25 GLU A C    1 
ATOM 368 O O    . GLU A 1 25 ? 8.556   4.798   -1.605  1.00 -0.50 ? 25 GLU A O    1 
ATOM 369 C CB   . GLU A 1 25 ? 7.811   7.677   0.071   1.00 -0.18 ? 25 GLU A CB   1 
ATOM 370 C CG   . GLU A 1 25 ? 6.571   8.273   0.764   1.00 -0.40 ? 25 GLU A CG   1 
ATOM 371 C CD   . GLU A 1 25 ? 5.524   7.231   1.109   1.00 0.71  ? 25 GLU A CD   1 
ATOM 372 O OE1  . GLU A 1 25 ? 4.798   6.841   0.169   1.00 -0.72 ? 25 GLU A OE1  1 
ATOM 373 O OE2  . GLU A 1 25 ? 5.479   6.774   2.272   1.00 -0.72 ? 25 GLU A OE2  1 
ATOM 374 H H    . GLU A 1 25 ? 5.546   7.446   -1.300  1.00 0.25  ? 25 GLU A H    1 
ATOM 375 H HA   . GLU A 1 25 ? 8.450   7.268   -1.923  1.00 0.05  ? 25 GLU A HA   1 
ATOM 376 H HB2  . GLU A 1 25 ? 8.277   6.972   0.762   1.00 0.09  ? 25 GLU A HB2  1 
ATOM 377 H HB3  . GLU A 1 25 ? 8.510   8.500   -0.081  1.00 0.09  ? 25 GLU A HB3  1 
ATOM 378 H HG2  . GLU A 1 25 ? 6.891   8.747   1.693   1.00 0.07  ? 25 GLU A HG2  1 
ATOM 379 H HG3  . GLU A 1 25 ? 6.120   9.045   0.139   1.00 0.07  ? 25 GLU A HG3  1 
ATOM 380 N N    . ALA A 1 26 ? 6.529   4.905   -0.627  1.00 -0.46 ? 26 ALA A N    1 
ATOM 381 C CA   . ALA A 1 26 ? 6.437   3.518   -0.206  1.00 0.04  ? 26 ALA A CA   1 
ATOM 382 C C    . ALA A 1 26 ? 6.880   2.510   -1.273  1.00 0.62  ? 26 ALA A C    1 
ATOM 383 O O    . ALA A 1 26 ? 7.664   1.618   -0.946  1.00 -0.50 ? 26 ALA A O    1 
ATOM 384 C CB   . ALA A 1 26 ? 5.039   3.227   0.352   1.00 -0.10 ? 26 ALA A CB   1 
ATOM 385 H H    . ALA A 1 26 ? 5.766   5.529   -0.368  1.00 0.25  ? 26 ALA A H    1 
ATOM 386 H HA   . ALA A 1 26 ? 7.141   3.414   0.621   1.00 0.05  ? 26 ALA A HA   1 
ATOM 387 H HB1  . ALA A 1 26 ? 4.977   2.181   0.645   1.00 0.04  ? 26 ALA A HB1  1 
ATOM 388 H HB2  . ALA A 1 26 ? 4.858   3.857   1.222   1.00 0.04  ? 26 ALA A HB2  1 
ATOM 389 H HB3  . ALA A 1 26 ? 4.260   3.431   -0.375  1.00 0.04  ? 26 ALA A HB3  1 
ATOM 390 N N    . PRO A 1 27 ? 6.426   2.616   -2.534  1.00 -0.23 ? 27 PRO A N    1 
ATOM 391 C CA   . PRO A 1 27 ? 6.799   1.688   -3.593  1.00 0.04  ? 27 PRO A CA   1 
ATOM 392 C C    . PRO A 1 27 ? 8.305   1.452   -3.723  1.00 0.53  ? 27 PRO A C    1 
ATOM 393 O O    . PRO A 1 27 ? 8.718   0.339   -4.035  1.00 -0.50 ? 27 PRO A O    1 
ATOM 394 C CB   . PRO A 1 27 ? 6.197   2.263   -4.876  1.00 -0.12 ? 27 PRO A CB   1 
ATOM 395 C CG   . PRO A 1 27 ? 4.949   2.963   -4.343  1.00 -0.12 ? 27 PRO A CG   1 
ATOM 396 C CD   . PRO A 1 27 ? 5.486   3.593   -3.062  1.00 -0.01 ? 27 PRO A CD   1 
ATOM 397 H HA   . PRO A 1 27 ? 6.317   0.735   -3.373  1.00 0.05  ? 27 PRO A HA   1 
ATOM 398 H HB2  . PRO A 1 27 ? 6.872   3.005   -5.309  1.00 0.06  ? 27 PRO A HB2  1 
ATOM 399 H HB3  . PRO A 1 27 ? 5.970   1.493   -5.612  1.00 0.06  ? 27 PRO A HB3  1 
ATOM 400 H HG2  . PRO A 1 27 ? 4.538   3.695   -5.036  1.00 0.06  ? 27 PRO A HG2  1 
ATOM 401 H HG3  . PRO A 1 27 ? 4.190   2.221   -4.090  1.00 0.06  ? 27 PRO A HG3  1 
ATOM 402 H HD2  . PRO A 1 27 ? 6.029   4.504   -3.305  1.00 0.06  ? 27 PRO A HD2  1 
ATOM 403 H HD3  . PRO A 1 27 ? 4.655   3.825   -2.402  1.00 0.06  ? 27 PRO A HD3  1 
ATOM 404 N N    . GLN A 1 28 ? 9.131   2.474   -3.479  1.00 -0.46 ? 28 GLN A N    1 
ATOM 405 C CA   . GLN A 1 28 ? 10.577  2.314   -3.575  1.00 0.04  ? 28 GLN A CA   1 
ATOM 406 C C    . GLN A 1 28 ? 11.139  1.455   -2.436  1.00 0.62  ? 28 GLN A C    1 
ATOM 407 O O    . GLN A 1 28 ? 12.229  0.905   -2.576  1.00 -0.50 ? 28 GLN A O    1 
ATOM 408 C CB   . GLN A 1 28 ? 11.273  3.682   -3.595  1.00 -0.10 ? 28 GLN A CB   1 
ATOM 409 C CG   . GLN A 1 28 ? 11.092  4.435   -4.923  1.00 -0.10 ? 28 GLN A CG   1 
ATOM 410 C CD   . GLN A 1 28 ? 9.695   4.999   -5.179  1.00 0.68  ? 28 GLN A CD   1 
ATOM 411 O OE1  . GLN A 1 28 ? 9.198   4.955   -6.299  1.00 -0.47 ? 28 GLN A OE1  1 
ATOM 412 N NE2  . GLN A 1 28 ? 9.060   5.569   -4.162  1.00 -0.87 ? 28 GLN A NE2  1 
ATOM 413 H H    . GLN A 1 28 ? 8.762   3.363   -3.158  1.00 0.25  ? 28 GLN A H    1 
ATOM 414 H HA   . GLN A 1 28 ? 10.816  1.802   -4.509  1.00 0.05  ? 28 GLN A HA   1 
ATOM 415 H HB2  . GLN A 1 28 ? 10.958  4.285   -2.744  1.00 0.04  ? 28 GLN A HB2  1 
ATOM 416 H HB3  . GLN A 1 28 ? 12.344  3.504   -3.488  1.00 0.04  ? 28 GLN A HB3  1 
ATOM 417 H HG2  . GLN A 1 28 ? 11.780  5.279   -4.925  1.00 0.06  ? 28 GLN A HG2  1 
ATOM 418 H HG3  . GLN A 1 28 ? 11.365  3.779   -5.750  1.00 0.06  ? 28 GLN A HG3  1 
ATOM 419 H HE21 . GLN A 1 28 ? 9.404   5.502   -3.212  1.00 0.34  ? 28 GLN A HE21 1 
ATOM 420 H HE22 . GLN A 1 28 ? 8.243   6.143   -4.351  1.00 0.34  ? 28 GLN A HE22 1 
ATOM 421 N N    . TYR A 1 29 ? 10.438  1.380   -1.299  1.00 -0.46 ? 29 TYR A N    1 
ATOM 422 C CA   . TYR A 1 29 ? 10.976  0.828   -0.061  1.00 0.04  ? 29 TYR A CA   1 
ATOM 423 C C    . TYR A 1 29 ? 10.338  -0.510  0.303   1.00 0.62  ? 29 TYR A C    1 
ATOM 424 O O    . TYR A 1 29 ? 11.042  -1.428  0.718   1.00 -0.50 ? 29 TYR A O    1 
ATOM 425 C CB   . TYR A 1 29 ? 10.800  1.858   1.063   1.00 -0.10 ? 29 TYR A CB   1 
ATOM 426 C CG   . TYR A 1 29 ? 11.417  3.210   0.751   1.00 -0.03 ? 29 TYR A CG   1 
ATOM 427 C CD1  . TYR A 1 29 ? 12.788  3.302   0.445   1.00 0.00  ? 29 TYR A CD1  1 
ATOM 428 C CD2  . TYR A 1 29 ? 10.607  4.357   0.666   1.00 0.00  ? 29 TYR A CD2  1 
ATOM 429 C CE1  . TYR A 1 29 ? 13.339  4.525   0.025   1.00 -0.26 ? 29 TYR A CE1  1 
ATOM 430 C CE2  . TYR A 1 29 ? 11.159  5.580   0.248   1.00 -0.26 ? 29 TYR A CE2  1 
ATOM 431 C CZ   . TYR A 1 29 ? 12.521  5.662   -0.081  1.00 0.46  ? 29 TYR A CZ   1 
ATOM 432 O OH   . TYR A 1 29 ? 13.042  6.847   -0.505  1.00 -0.53 ? 29 TYR A OH   1 
ATOM 433 H H    . TYR A 1 29 ? 9.515   1.795   -1.268  1.00 0.25  ? 29 TYR A H    1 
ATOM 434 H HA   . TYR A 1 29 ? 12.045  0.641   -0.165  1.00 0.05  ? 29 TYR A HA   1 
ATOM 435 H HB2  . TYR A 1 29 ? 9.735   1.981   1.264   1.00 0.04  ? 29 TYR A HB2  1 
ATOM 436 H HB3  . TYR A 1 29 ? 11.267  1.467   1.970   1.00 0.04  ? 29 TYR A HB3  1 
ATOM 437 H HD1  . TYR A 1 29 ? 13.423  2.431   0.518   1.00 0.06  ? 29 TYR A HD1  1 
ATOM 438 H HD2  . TYR A 1 29 ? 9.555   4.302   0.908   1.00 0.06  ? 29 TYR A HD2  1 
ATOM 439 H HE1  . TYR A 1 29 ? 14.389  4.579   -0.219  1.00 0.10  ? 29 TYR A HE1  1 
ATOM 440 H HE2  . TYR A 1 29 ? 10.539  6.459   0.168   1.00 0.10  ? 29 TYR A HE2  1 
ATOM 441 H HH   . TYR A 1 29 ? 13.980  6.797   -0.699  1.00 0.33  ? 29 TYR A HH   1 
ATOM 442 N N    . TYR A 1 30 ? 9.011   -0.621  0.194   1.00 -0.46 ? 30 TYR A N    1 
ATOM 443 C CA   . TYR A 1 30 ? 8.277   -1.767  0.716   1.00 0.04  ? 30 TYR A CA   1 
ATOM 444 C C    . TYR A 1 30 ? 6.919   -1.962  0.033   1.00 0.62  ? 30 TYR A C    1 
ATOM 445 O O    . TYR A 1 30 ? 5.875   -1.577  0.556   1.00 -0.50 ? 30 TYR A O    1 
ATOM 446 C CB   . TYR A 1 30 ? 8.198   -1.736  2.258   1.00 -0.10 ? 30 TYR A CB   1 
ATOM 447 C CG   . TYR A 1 30 ? 7.753   -0.477  2.997   1.00 -0.03 ? 30 TYR A CG   1 
ATOM 448 C CD1  . TYR A 1 30 ? 7.223   0.655   2.345   1.00 0.00  ? 30 TYR A CD1  1 
ATOM 449 C CD2  . TYR A 1 30 ? 7.829   -0.477  4.403   1.00 0.00  ? 30 TYR A CD2  1 
ATOM 450 C CE1  . TYR A 1 30 ? 6.771   1.758   3.090   1.00 -0.26 ? 30 TYR A CE1  1 
ATOM 451 C CE2  . TYR A 1 30 ? 7.333   0.608   5.146   1.00 -0.26 ? 30 TYR A CE2  1 
ATOM 452 C CZ   . TYR A 1 30 ? 6.768   1.712   4.488   1.00 0.46  ? 30 TYR A CZ   1 
ATOM 453 O OH   . TYR A 1 30 ? 6.057   2.652   5.178   1.00 -0.53 ? 30 TYR A OH   1 
ATOM 454 H H    . TYR A 1 30 ? 8.489   0.154   -0.200  1.00 0.25  ? 30 TYR A H    1 
ATOM 455 H HA   . TYR A 1 30 ? 8.848   -2.666  0.476   1.00 0.05  ? 30 TYR A HA   1 
ATOM 456 H HB2  . TYR A 1 30 ? 7.546   -2.551  2.573   1.00 0.04  ? 30 TYR A HB2  1 
ATOM 457 H HB3  . TYR A 1 30 ? 9.198   -1.969  2.629   1.00 0.04  ? 30 TYR A HB3  1 
ATOM 458 H HD1  . TYR A 1 30 ? 7.092   0.672   1.279   1.00 0.06  ? 30 TYR A HD1  1 
ATOM 459 H HD2  . TYR A 1 30 ? 8.234   -1.333  4.922   1.00 0.06  ? 30 TYR A HD2  1 
ATOM 460 H HE1  . TYR A 1 30 ? 6.346   2.615   2.599   1.00 0.10  ? 30 TYR A HE1  1 
ATOM 461 H HE2  . TYR A 1 30 ? 7.338   0.564   6.225   1.00 0.10  ? 30 TYR A HE2  1 
ATOM 462 H HH   . TYR A 1 30 ? 5.646   2.201   5.942   1.00 0.33  ? 30 TYR A HH   1 
ATOM 463 N N    . LEU A 1 31 ? 6.924   -2.631  -1.123  1.00 -0.46 ? 31 LEU A N    1 
ATOM 464 C CA   . LEU A 1 31 ? 5.718   -3.090  -1.805  1.00 0.04  ? 31 LEU A CA   1 
ATOM 465 C C    . LEU A 1 31 ? 5.074   -4.247  -1.026  1.00 0.62  ? 31 LEU A C    1 
ATOM 466 O O    . LEU A 1 31 ? 5.068   -5.381  -1.498  1.00 -0.50 ? 31 LEU A O    1 
ATOM 467 C CB   . LEU A 1 31 ? 6.073   -3.529  -3.237  1.00 -0.06 ? 31 LEU A CB   1 
ATOM 468 C CG   . LEU A 1 31 ? 6.489   -2.368  -4.150  1.00 -0.01 ? 31 LEU A CG   1 
ATOM 469 C CD1  . LEU A 1 31 ? 7.226   -2.915  -5.378  1.00 -0.11 ? 31 LEU A CD1  1 
ATOM 470 C CD2  . LEU A 1 31 ? 5.266   -1.572  -4.621  1.00 -0.11 ? 31 LEU A CD2  1 
ATOM 471 H H    . LEU A 1 31 ? 7.815   -2.910  -1.508  1.00 0.25  ? 31 LEU A H    1 
ATOM 472 H HA   . LEU A 1 31 ? 4.997   -2.275  -1.850  1.00 0.05  ? 31 LEU A HA   1 
ATOM 473 H HB2  . LEU A 1 31 ? 6.890   -4.251  -3.177  1.00 0.03  ? 31 LEU A HB2  1 
ATOM 474 H HB3  . LEU A 1 31 ? 5.216   -4.029  -3.691  1.00 0.03  ? 31 LEU A HB3  1 
ATOM 475 H HG   . LEU A 1 31 ? 7.171   -1.705  -3.616  1.00 0.03  ? 31 LEU A HG   1 
ATOM 476 H HD11 . LEU A 1 31 ? 6.575   -3.590  -5.935  1.00 0.03  ? 31 LEU A HD11 1 
ATOM 477 H HD12 . LEU A 1 31 ? 7.525   -2.091  -6.026  1.00 0.03  ? 31 LEU A HD12 1 
ATOM 478 H HD13 . LEU A 1 31 ? 8.119   -3.454  -5.065  1.00 0.03  ? 31 LEU A HD13 1 
ATOM 479 H HD21 . LEU A 1 31 ? 4.772   -1.096  -3.776  1.00 0.03  ? 31 LEU A HD21 1 
ATOM 480 H HD22 . LEU A 1 31 ? 5.581   -0.801  -5.323  1.00 0.03  ? 31 LEU A HD22 1 
ATOM 481 H HD23 . LEU A 1 31 ? 4.559   -2.232  -5.124  1.00 0.03  ? 31 LEU A HD23 1 
ATOM 482 N N    . ALA A 1 32 ? 4.543   -3.962  0.166   1.00 -0.46 ? 32 ALA A N    1 
ATOM 483 C CA   . ALA A 1 32 ? 3.890   -4.943  1.027   1.00 0.04  ? 32 ALA A CA   1 
ATOM 484 C C    . ALA A 1 32 ? 2.459   -4.493  1.338   1.00 0.62  ? 32 ALA A C    1 
ATOM 485 O O    . ALA A 1 32 ? 1.558   -4.734  0.538   1.00 -0.50 ? 32 ALA A O    1 
ATOM 486 C CB   . ALA A 1 32 ? 4.751   -5.175  2.275   1.00 -0.10 ? 32 ALA A CB   1 
ATOM 487 H H    . ALA A 1 32 ? 4.635   -3.007  0.499   1.00 0.25  ? 32 ALA A H    1 
ATOM 488 H HA   . ALA A 1 32 ? 3.804   -5.904  0.516   1.00 0.05  ? 32 ALA A HA   1 
ATOM 489 H HB1  . ALA A 1 32 ? 4.244   -5.861  2.955   1.00 0.04  ? 32 ALA A HB1  1 
ATOM 490 H HB2  . ALA A 1 32 ? 5.701   -5.620  1.977   1.00 0.04  ? 32 ALA A HB2  1 
ATOM 491 H HB3  . ALA A 1 32 ? 4.957   -4.236  2.789   1.00 0.04  ? 32 ALA A HB3  1 
ATOM 492 N N    . GLU A 1 33 ? 2.255   -3.835  2.482   1.00 -0.46 ? 33 GLU A N    1 
ATOM 493 C CA   . GLU A 1 33 ? 0.966   -3.341  2.945   1.00 0.04  ? 33 GLU A CA   1 
ATOM 494 C C    . GLU A 1 33 ? 1.053   -1.962  3.641   1.00 0.62  ? 33 GLU A C    1 
ATOM 495 O O    . GLU A 1 33 ? 0.169   -1.639  4.432   1.00 -0.50 ? 33 GLU A O    1 
ATOM 496 C CB   . GLU A 1 33 ? 0.383   -4.410  3.888   1.00 -0.18 ? 33 GLU A CB   1 
ATOM 497 C CG   . GLU A 1 33 ? 1.409   -4.862  4.943   1.00 -0.40 ? 33 GLU A CG   1 
ATOM 498 C CD   . GLU A 1 33 ? 0.798   -5.765  6.001   1.00 0.71  ? 33 GLU A CD   1 
ATOM 499 O OE1  . GLU A 1 33 ? -0.174  -6.477  5.669   1.00 -0.72 ? 33 GLU A OE1  1 
ATOM 500 O OE2  . GLU A 1 33 ? 1.306   -5.706  7.143   1.00 -0.72 ? 33 GLU A OE2  1 
ATOM 501 H H    . GLU A 1 33 ? 3.024   -3.729  3.124   1.00 0.25  ? 33 GLU A H    1 
ATOM 502 H HA   . GLU A 1 33 ? 0.280   -3.223  2.105   1.00 0.05  ? 33 GLU A HA   1 
ATOM 503 H HB2  . GLU A 1 33 ? -0.507  -4.022  4.383   1.00 0.09  ? 33 GLU A HB2  1 
ATOM 504 H HB3  . GLU A 1 33 ? 0.082   -5.281  3.302   1.00 0.09  ? 33 GLU A HB3  1 
ATOM 505 H HG2  . GLU A 1 33 ? 2.216   -5.427  4.479   1.00 0.07  ? 33 GLU A HG2  1 
ATOM 506 H HG3  . GLU A 1 33 ? 1.827   -3.989  5.447   1.00 0.07  ? 33 GLU A HG3  1 
ATOM 507 N N    . PRO A 1 34 ? 2.064   -1.111  3.380   1.00 -0.23 ? 34 PRO A N    1 
ATOM 508 C CA   . PRO A 1 34 ? 2.285   0.096   4.173   1.00 0.04  ? 34 PRO A CA   1 
ATOM 509 C C    . PRO A 1 34 ? 1.147   1.111   4.002   1.00 0.53  ? 34 PRO A C    1 
ATOM 510 O O    . PRO A 1 34 ? 0.808   1.852   4.925   1.00 -0.50 ? 34 PRO A O    1 
ATOM 511 C CB   . PRO A 1 34 ? 3.617   0.655   3.674   1.00 -0.12 ? 34 PRO A CB   1 
ATOM 512 C CG   . PRO A 1 34 ? 3.645   0.220   2.214   1.00 -0.12 ? 34 PRO A CG   1 
ATOM 513 C CD   . PRO A 1 34 ? 3.038   -1.175  2.299   1.00 -0.01 ? 34 PRO A CD   1 
ATOM 514 H HA   . PRO A 1 34 ? 2.401   -0.153  5.228   1.00 0.05  ? 34 PRO A HA   1 
ATOM 515 H HB2  . PRO A 1 34 ? 3.706   1.732   3.792   1.00 0.06  ? 34 PRO A HB2  1 
ATOM 516 H HB3  . PRO A 1 34 ? 4.424   0.155   4.213   1.00 0.06  ? 34 PRO A HB3  1 
ATOM 517 H HG2  . PRO A 1 34 ? 3.017   0.877   1.615   1.00 0.06  ? 34 PRO A HG2  1 
ATOM 518 H HG3  . PRO A 1 34 ? 4.651   0.196   1.810   1.00 0.06  ? 34 PRO A HG3  1 
ATOM 519 H HD2  . PRO A 1 34 ? 2.591   -1.454  1.345   1.00 0.06  ? 34 PRO A HD2  1 
ATOM 520 H HD3  . PRO A 1 34 ? 3.845   -1.859  2.566   1.00 0.06  ? 34 PRO A HD3  1 
ATOM 521 N N    . TRP A 1 35 ? 0.580   1.172   2.796   1.00 -0.46 ? 35 TRP A N    1 
ATOM 522 C CA   . TRP A 1 35 ? -0.449  2.136   2.431   1.00 0.04  ? 35 TRP A CA   1 
ATOM 523 C C    . TRP A 1 35 ? -1.788  1.778   3.081   1.00 0.62  ? 35 TRP A C    1 
ATOM 524 O O    . TRP A 1 35 ? -2.509  2.655   3.552   1.00 -0.50 ? 35 TRP A O    1 
ATOM 525 C CB   . TRP A 1 35 ? -0.582  2.239   0.897   1.00 -0.10 ? 35 TRP A CB   1 
ATOM 526 C CG   . TRP A 1 35 ? 0.449   1.538   0.059   1.00 -0.14 ? 35 TRP A CG   1 
ATOM 527 C CD1  . TRP A 1 35 ? 1.565   2.092   -0.464  1.00 0.04  ? 35 TRP A CD1  1 
ATOM 528 C CD2  . TRP A 1 35 ? 0.477   0.135   -0.346  1.00 0.15  ? 35 TRP A CD2  1 
ATOM 529 N NE1  . TRP A 1 35 ? 2.275   1.138   -1.164  1.00 -0.35 ? 35 TRP A NE1  1 
ATOM 530 C CE2  . TRP A 1 35 ? 1.644   -0.086  -1.135  1.00 0.15  ? 35 TRP A CE2  1 
ATOM 531 C CE3  . TRP A 1 35 ? -0.356  -0.978  -0.105  1.00 -0.17 ? 35 TRP A CE3  1 
ATOM 532 C CZ2  . TRP A 1 35 ? 1.953   -1.338  -1.683  1.00 -0.17 ? 35 TRP A CZ2  1 
ATOM 533 C CZ3  . TRP A 1 35 ? -0.047  -2.241  -0.638  1.00 -0.07 ? 35 TRP A CZ3  1 
ATOM 534 C CH2  . TRP A 1 35 ? 1.095   -2.421  -1.437  1.00 -0.08 ? 35 TRP A CH2  1 
ATOM 535 H H    . TRP A 1 35 ? 0.907   0.531   2.093   1.00 0.25  ? 35 TRP A H    1 
ATOM 536 H HA   . TRP A 1 35 ? -0.152  3.111   2.817   1.00 0.05  ? 35 TRP A HA   1 
ATOM 537 H HB2  . TRP A 1 35 ? -1.542  1.824   0.602   1.00 0.04  ? 35 TRP A HB2  1 
ATOM 538 H HB3  . TRP A 1 35 ? -0.609  3.291   0.613   1.00 0.04  ? 35 TRP A HB3  1 
ATOM 539 H HD1  . TRP A 1 35 ? 1.862   3.122   -0.355  1.00 0.09  ? 35 TRP A HD1  1 
ATOM 540 H HE1  . TRP A 1 35 ? 3.147   1.338   -1.632  1.00 0.27  ? 35 TRP A HE1  1 
ATOM 541 H HE3  . TRP A 1 35 ? -1.234  -0.863  0.509   1.00 0.09  ? 35 TRP A HE3  1 
ATOM 542 H HZ2  . TRP A 1 35 ? 2.836   -1.469  -2.287  1.00 0.08  ? 35 TRP A HZ2  1 
ATOM 543 H HZ3  . TRP A 1 35 ? -0.686  -3.085  -0.418  1.00 0.06  ? 35 TRP A HZ3  1 
ATOM 544 H HH2  . TRP A 1 35 ? 1.320   -3.397  -1.845  1.00 0.07  ? 35 TRP A HH2  1 
ATOM 545 N N    . GLU A 1 36 ? -2.148  0.492   3.067   1.00 -0.46 ? 36 GLU A N    1 
ATOM 546 C CA   . GLU A 1 36 ? -3.466  0.060   3.503   1.00 0.04  ? 36 GLU A CA   1 
ATOM 547 C C    . GLU A 1 36 ? -3.502  0.010   5.029   1.00 0.62  ? 36 GLU A C    1 
ATOM 548 O O    . GLU A 1 36 ? -3.262  -1.036  5.630   1.00 -0.50 ? 36 GLU A O    1 
ATOM 549 C CB   . GLU A 1 36 ? -3.843  -1.271  2.831   1.00 -0.18 ? 36 GLU A CB   1 
ATOM 550 C CG   . GLU A 1 36 ? -5.368  -1.449  2.778   1.00 -0.40 ? 36 GLU A CG   1 
ATOM 551 C CD   . GLU A 1 36 ? -5.952  -1.928  4.095   1.00 0.71  ? 36 GLU A CD   1 
ATOM 552 O OE1  . GLU A 1 36 ? -6.304  -1.051  4.911   1.00 -0.72 ? 36 GLU A OE1  1 
ATOM 553 O OE2  . GLU A 1 36 ? -6.015  -3.166  4.269   1.00 -0.72 ? 36 GLU A OE2  1 
ATOM 554 H H    . GLU A 1 36 ? -1.474  -0.208  2.797   1.00 0.25  ? 36 GLU A H    1 
ATOM 555 H HA   . GLU A 1 36 ? -4.190  0.804   3.168   1.00 0.05  ? 36 GLU A HA   1 
ATOM 556 H HB2  . GLU A 1 36 ? -3.478  -1.267  1.808   1.00 0.09  ? 36 GLU A HB2  1 
ATOM 557 H HB3  . GLU A 1 36 ? -3.387  -2.118  3.350   1.00 0.09  ? 36 GLU A HB3  1 
ATOM 558 H HG2  . GLU A 1 36 ? -5.866  -0.521  2.500   1.00 0.07  ? 36 GLU A HG2  1 
ATOM 559 H HG3  . GLU A 1 36 ? -5.618  -2.192  2.029   1.00 0.07  ? 36 GLU A HG3  1 
ATOM 560 N N    . PHE A 1 37 ? -3.734  1.170   5.655   1.00 -0.46 ? 37 PHE A N    1 
ATOM 561 C CA   . PHE A 1 37 ? -4.056  1.325   7.075   1.00 0.04  ? 37 PHE A CA   1 
ATOM 562 C C    . PHE A 1 37 ? -2.839  1.109   7.992   1.00 0.62  ? 37 PHE A C    1 
ATOM 563 O O    . PHE A 1 37 ? -2.765  1.702   9.067   1.00 -0.50 ? 37 PHE A O    1 
ATOM 564 C CB   . PHE A 1 37 ? -5.280  0.458   7.433   1.00 -0.10 ? 37 PHE A CB   1 
ATOM 565 C CG   . PHE A 1 37 ? -5.883  0.553   8.827   1.00 -0.10 ? 37 PHE A CG   1 
ATOM 566 C CD1  . PHE A 1 37 ? -5.700  1.679   9.654   1.00 -0.15 ? 37 PHE A CD1  1 
ATOM 567 C CD2  . PHE A 1 37 ? -6.723  -0.490  9.263   1.00 -0.15 ? 37 PHE A CD2  1 
ATOM 568 C CE1  . PHE A 1 37 ? -6.252  1.702   10.948  1.00 -0.15 ? 37 PHE A CE1  1 
ATOM 569 C CE2  . PHE A 1 37 ? -7.272  -0.470  10.555  1.00 -0.15 ? 37 PHE A CE2  1 
ATOM 570 C CZ   . PHE A 1 37 ? -7.027  0.622   11.404  1.00 -0.15 ? 37 PHE A CZ   1 
ATOM 571 H H    . PHE A 1 37 ? -3.740  1.997   5.068   1.00 0.25  ? 37 PHE A H    1 
ATOM 572 H HA   . PHE A 1 37 ? -4.357  2.366   7.184   1.00 0.05  ? 37 PHE A HA   1 
ATOM 573 H HB2  . PHE A 1 37 ? -6.077  0.698   6.728   1.00 0.11  ? 37 PHE A HB2  1 
ATOM 574 H HB3  . PHE A 1 37 ? -5.020  -0.587  7.271   1.00 0.11  ? 37 PHE A HB3  1 
ATOM 575 H HD1  . PHE A 1 37 ? -5.135  2.533   9.321   1.00 0.15  ? 37 PHE A HD1  1 
ATOM 576 H HD2  . PHE A 1 37 ? -6.950  -1.314  8.601   1.00 0.15  ? 37 PHE A HD2  1 
ATOM 577 H HE1  . PHE A 1 37 ? -6.080  2.553   11.592  1.00 0.15  ? 37 PHE A HE1  1 
ATOM 578 H HE2  . PHE A 1 37 ? -7.882  -1.297  10.892  1.00 0.15  ? 37 PHE A HE2  1 
ATOM 579 H HZ   . PHE A 1 37 ? -7.445  0.637   12.402  1.00 0.15  ? 37 PHE A HZ   1 
ATOM 580 N N    . SER A 1 38 ? -1.870  0.292   7.581   1.00 -0.46 ? 38 SER A N    1 
ATOM 581 C CA   . SER A 1 38 ? -0.632  0.033   8.298   1.00 0.04  ? 38 SER A CA   1 
ATOM 582 C C    . SER A 1 38 ? 0.091   1.340   8.649   1.00 0.62  ? 38 SER A C    1 
ATOM 583 O O    . SER A 1 38 ? 0.459   1.552   9.805   1.00 -0.50 ? 38 SER A O    1 
ATOM 584 C CB   . SER A 1 38 ? 0.233   -0.913  7.453   1.00 0.02  ? 38 SER A CB   1 
ATOM 585 O OG   . SER A 1 38 ? 1.165   -1.608  8.257   1.00 -0.55 ? 38 SER A OG   1 
ATOM 586 H H    . SER A 1 38 ? -2.052  -0.267  6.758   1.00 0.25  ? 38 SER A H    1 
ATOM 587 H HA   . SER A 1 38 ? -0.879  -0.484  9.223   1.00 0.05  ? 38 SER A HA   1 
ATOM 588 H HB2  . SER A 1 38 ? -0.399  -1.648  6.953   1.00 0.12  ? 38 SER A HB2  1 
ATOM 589 H HB3  . SER A 1 38 ? 0.758   -0.344  6.689   1.00 0.12  ? 38 SER A HB3  1 
ATOM 590 H HG   . SER A 1 38 ? 2.007   -1.113  8.216   1.00 0.31  ? 38 SER A HG   1 
ATOM 591 N N    . MET A 1 39 ? 0.290   2.217   7.656   1.00 -0.46 ? 39 MET A N    1 
ATOM 592 C CA   . MET A 1 39 ? 1.040   3.468   7.740   1.00 0.04  ? 39 MET A CA   1 
ATOM 593 C C    . MET A 1 39 ? 2.536   3.192   7.885   1.00 0.62  ? 39 MET A C    1 
ATOM 594 O O    . MET A 1 39 ? 3.321   3.607   7.032   1.00 -0.50 ? 39 MET A O    1 
ATOM 595 C CB   . MET A 1 39 ? 0.518   4.434   8.817   1.00 -0.15 ? 39 MET A CB   1 
ATOM 596 C CG   . MET A 1 39 ? -0.999  4.653   8.772   1.00 -0.05 ? 39 MET A CG   1 
ATOM 597 S SD   . MET A 1 39 ? -1.737  4.927   7.138   1.00 0.74  ? 39 MET A SD   1 
ATOM 598 C CE   . MET A 1 39 ? -3.440  5.285   7.615   1.00 -0.13 ? 39 MET A CE   1 
ATOM 599 H H    . MET A 1 39 ? 0.028   1.935   6.716   1.00 0.25  ? 39 MET A H    1 
ATOM 600 H HA   . MET A 1 39 ? 0.911   3.963   6.777   1.00 0.05  ? 39 MET A HA   1 
ATOM 601 H HB2  . MET A 1 39 ? 0.790   4.086   9.814   1.00 0.03  ? 39 MET A HB2  1 
ATOM 602 H HB3  . MET A 1 39 ? 1.004   5.398   8.655   1.00 0.03  ? 39 MET A HB3  1 
ATOM 603 H HG2  . MET A 1 39 ? -1.485  3.790   9.219   1.00 0.07  ? 39 MET A HG2  1 
ATOM 604 H HG3  . MET A 1 39 ? -1.227  5.520   9.391   1.00 0.07  ? 39 MET A HG3  1 
ATOM 605 H HE1  . MET A 1 39 ? -3.462  6.194   8.214   1.00 0.07  ? 39 MET A HE1  1 
ATOM 606 H HE2  . MET A 1 39 ? -4.039  5.425   6.717   1.00 0.07  ? 39 MET A HE2  1 
ATOM 607 H HE3  . MET A 1 39 ? -3.835  4.455   8.197   1.00 0.07  ? 39 MET A HE3  1 
ATOM 608 N N    . LEU A 1 40 ? 2.922   2.466   8.935   1.00 -0.46 ? 40 LEU A N    1 
ATOM 609 C CA   . LEU A 1 40 ? 4.195   1.772   8.952   1.00 0.04  ? 40 LEU A CA   1 
ATOM 610 C C    . LEU A 1 40 ? 4.142   0.780   7.791   1.00 0.52  ? 40 LEU A C    1 
ATOM 611 O O    . LEU A 1 40 ? 3.315   -0.155  7.870   1.00 -0.71 ? 40 LEU A O    1 
ATOM 612 C CB   . LEU A 1 40 ? 4.391   1.099   10.320  1.00 -0.06 ? 40 LEU A CB   1 
ATOM 613 C CG   . LEU A 1 40 ? 5.842   0.679   10.613  1.00 -0.01 ? 40 LEU A CG   1 
ATOM 614 C CD1  . LEU A 1 40 ? 5.935   0.190   12.063  1.00 -0.11 ? 40 LEU A CD1  1 
ATOM 615 C CD2  . LEU A 1 40 ? 6.348   -0.429  9.680   1.00 -0.11 ? 40 LEU A CD2  1 
ATOM 616 O OXT  . LEU A 1 40 ? 4.873   1.017   6.807   1.00 -0.71 ? 40 LEU A OXT  1 
ATOM 617 H H    . LEU A 1 40 ? 2.200   2.133   9.562   1.00 0.25  ? 40 LEU A H    1 
ATOM 618 H HA   . LEU A 1 40 ? 4.996   2.495   8.790   1.00 0.05  ? 40 LEU A HA   1 
ATOM 619 H HB2  . LEU A 1 40 ? 4.105   1.823   11.084  1.00 0.03  ? 40 LEU A HB2  1 
ATOM 620 H HB3  . LEU A 1 40 ? 3.728   0.238   10.409  1.00 0.03  ? 40 LEU A HB3  1 
ATOM 621 H HG   . LEU A 1 40 ? 6.493   1.548   10.507  1.00 0.03  ? 40 LEU A HG   1 
ATOM 622 H HD11 . LEU A 1 40 ? 5.300   -0.687  12.201  1.00 0.03  ? 40 LEU A HD11 1 
ATOM 623 H HD12 . LEU A 1 40 ? 6.966   -0.075  12.301  1.00 0.03  ? 40 LEU A HD12 1 
ATOM 624 H HD13 . LEU A 1 40 ? 5.611   0.977   12.742  1.00 0.03  ? 40 LEU A HD13 1 
ATOM 625 H HD21 . LEU A 1 40 ? 6.490   -0.041  8.673   1.00 0.03  ? 40 LEU A HD21 1 
ATOM 626 H HD22 . LEU A 1 40 ? 7.309   -0.800  10.035  1.00 0.03  ? 40 LEU A HD22 1 
ATOM 627 H HD23 . LEU A 1 40 ? 5.635   -1.253  9.655   1.00 0.03  ? 40 LEU A HD23 1 
# 
